data_1KV9
#
_entry.id   1KV9
#
_cell.length_a   54.807
_cell.length_b   57.437
_cell.length_c   67.523
_cell.angle_alpha   89.65
_cell.angle_beta   69.34
_cell.angle_gamma   68.39
#
_symmetry.space_group_name_H-M   'P 1'
#
loop_
_entity.id
_entity.type
_entity.pdbx_description
1 polymer 'TYPE II QUINOHEMOPROTEIN ALCOHOL DEHYDROGENASE'
2 non-polymer 'CALCIUM ION'
3 non-polymer 'PYRROLOQUINOLINE QUINONE'
4 non-polymer 'HEME C'
5 non-polymer '4-(2-HYDROXYETHYL)-1-PIPERAZINE ETHANESULFONIC ACID'
6 non-polymer ACETONE
7 non-polymer GLYCEROL
8 water water
#
_entity_poly.entity_id   1
_entity_poly.type   'polypeptide(L)'
_entity_poly.pdbx_seq_one_letter_code
;AGVDEAAIRATEQAGGEWLSHGRTYAEQRFSPLKQIDASNVRSLGLAWYMDLDNTRGLEATPLFHDGVIYTSMSWSRVIA
VDAASGKELWRYDPEVAKVKARTSCCDAVNRGVALWGDKVYVGTLDGRLIALDAKTGKAIWSQQTTDPAKPYSITGAPRV
VKGKVIIGNGGAEYGVRGFVSAYDADTGKLAWRFYTVPGDPALPYEHPELREAAKTWQGDQYWKLGGGGTVWDSMAYDPE
LDLLYVGTGNGSPWNREVRSPGGGDNLYLSSILAIRPDTGKLAWHYQVTPGDSWDFTATQQITLAELNIDGKPRKVLMQA
PKNGFFYVLDRTNGKLISAEKFGKVTWAEKVDLATGRPVEAPGVRYEKEPIVMWPSPFGAHNWHSMSFNPGTGLVYIPYQ
EVPGVYRNEGKDFVTRKAFNTAAGFADATDVPAAVVSGALLAWDPVKQKAAWKVPYPTHWNGGTLSTAGNLVFQGTAAGQ
MHAYSADKGEALWQFEAQSGIVAAPMTFELAGRQYVAIMAGWGGVATLTGGESMNLPGMKNRSRLLVFALDGKAQLPPPA
PAPAKVERVPQPVTAAPEQVQAGKQLYGQFCSVCHGMGTISGGLIPDLRQSSDATREHFQQIVLQGALKPLGMPSFDDSL
KPEEVEQIKLYVMSREYEDYMARHKAAP
;
_entity_poly.pdbx_strand_id   A
#
loop_
_chem_comp.id
_chem_comp.type
_chem_comp.name
_chem_comp.formula
ACN non-polymer ACETONE 'C3 H6 O'
CA non-polymer 'CALCIUM ION' 'Ca 2'
EPE non-polymer '4-(2-HYDROXYETHYL)-1-PIPERAZINE ETHANESULFONIC ACID' 'C8 H18 N2 O4 S'
GOL non-polymer GLYCEROL 'C3 H8 O3'
HEC non-polymer 'HEME C' 'C34 H34 Fe N4 O4'
PQQ non-polymer 'PYRROLOQUINOLINE QUINONE' 'C14 H6 N2 O8'
#
# COMPACT_ATOMS: atom_id res chain seq x y z
N ALA A 1 -28.62 -10.75 -6.45
CA ALA A 1 -28.82 -12.13 -5.93
C ALA A 1 -27.72 -12.51 -4.94
N GLY A 2 -27.75 -11.90 -3.76
CA GLY A 2 -26.74 -12.20 -2.76
C GLY A 2 -26.33 -11.02 -1.91
N VAL A 3 -25.13 -10.51 -2.17
CA VAL A 3 -24.59 -9.38 -1.43
C VAL A 3 -25.16 -8.03 -1.86
N ASP A 4 -25.80 -7.34 -0.92
CA ASP A 4 -26.38 -6.02 -1.17
C ASP A 4 -26.11 -5.12 0.04
N GLU A 5 -26.60 -3.88 0.02
CA GLU A 5 -26.34 -2.98 1.14
C GLU A 5 -26.82 -3.54 2.47
N ALA A 6 -28.05 -4.04 2.51
CA ALA A 6 -28.60 -4.61 3.74
C ALA A 6 -27.71 -5.70 4.30
N ALA A 7 -27.21 -6.57 3.42
CA ALA A 7 -26.35 -7.67 3.85
C ALA A 7 -25.04 -7.18 4.45
N ILE A 8 -24.42 -6.18 3.82
CA ILE A 8 -23.16 -5.66 4.32
C ILE A 8 -23.34 -4.91 5.64
N ARG A 9 -24.46 -4.20 5.78
CA ARG A 9 -24.72 -3.45 7.01
C ARG A 9 -25.02 -4.40 8.17
N ALA A 10 -25.69 -5.50 7.85
CA ALA A 10 -26.04 -6.49 8.87
C ALA A 10 -24.81 -7.11 9.54
N THR A 11 -23.70 -7.19 8.82
CA THR A 11 -22.49 -7.77 9.39
C THR A 11 -21.93 -6.93 10.52
N GLU A 12 -22.48 -5.73 10.68
CA GLU A 12 -22.05 -4.83 11.75
C GLU A 12 -22.30 -5.47 13.10
N GLN A 13 -23.37 -6.26 13.19
CA GLN A 13 -23.70 -6.96 14.44
C GLN A 13 -23.44 -8.46 14.36
N ALA A 14 -23.57 -9.03 13.16
CA ALA A 14 -23.33 -10.45 12.96
C ALA A 14 -21.89 -10.64 12.50
N GLY A 15 -21.08 -11.35 13.29
CA GLY A 15 -19.69 -11.54 12.95
C GLY A 15 -19.32 -12.69 12.03
N GLY A 16 -20.29 -13.52 11.68
CA GLY A 16 -20.00 -14.66 10.82
C GLY A 16 -19.29 -14.39 9.52
N GLU A 17 -19.70 -13.34 8.82
CA GLU A 17 -19.10 -13.02 7.52
C GLU A 17 -18.28 -11.73 7.47
N TRP A 18 -17.56 -11.56 6.36
CA TRP A 18 -16.70 -10.42 6.10
C TRP A 18 -16.93 -10.14 4.61
N LEU A 19 -17.85 -9.22 4.32
CA LEU A 19 -18.24 -8.93 2.94
C LEU A 19 -17.61 -7.77 2.20
N SER A 20 -16.81 -6.96 2.87
CA SER A 20 -16.16 -5.83 2.23
C SER A 20 -14.72 -5.74 2.72
N HIS A 21 -13.87 -5.06 1.97
CA HIS A 21 -12.45 -4.93 2.30
C HIS A 21 -12.14 -4.71 3.79
N GLY A 22 -12.64 -3.61 4.35
CA GLY A 22 -12.39 -3.32 5.76
C GLY A 22 -13.49 -3.90 6.64
N ARG A 23 -14.01 -5.04 6.19
CA ARG A 23 -15.10 -5.77 6.84
C ARG A 23 -16.42 -5.03 6.68
N THR A 24 -16.61 -3.95 7.44
CA THR A 24 -17.84 -3.17 7.35
C THR A 24 -17.60 -1.92 6.51
N TYR A 25 -18.68 -1.24 6.12
CA TYR A 25 -18.52 -0.02 5.32
C TYR A 25 -17.74 1.04 6.11
N ALA A 26 -17.79 0.95 7.44
CA ALA A 26 -17.07 1.90 8.29
C ALA A 26 -15.58 1.58 8.33
N GLU A 27 -15.23 0.41 7.80
CA GLU A 27 -13.84 -0.03 7.74
C GLU A 27 -13.11 -0.04 9.08
N GLN A 28 -13.76 -0.59 10.10
CA GLN A 28 -13.16 -0.67 11.42
C GLN A 28 -12.34 -1.96 11.54
N ARG A 29 -12.61 -2.92 10.66
CA ARG A 29 -11.93 -4.21 10.69
C ARG A 29 -12.00 -4.78 12.11
N PHE A 30 -13.22 -4.76 12.65
CA PHE A 30 -13.54 -5.26 13.97
C PHE A 30 -14.59 -6.35 13.83
N SER A 31 -14.28 -7.54 14.33
CA SER A 31 -15.22 -8.64 14.24
C SER A 31 -15.89 -8.92 15.58
N PRO A 32 -17.23 -8.99 15.60
CA PRO A 32 -18.00 -9.25 16.83
C PRO A 32 -17.75 -10.67 17.34
N LEU A 33 -17.18 -11.51 16.49
CA LEU A 33 -16.89 -12.89 16.86
C LEU A 33 -16.00 -12.95 18.09
N LYS A 34 -16.33 -13.84 19.02
CA LYS A 34 -15.55 -13.97 20.24
C LYS A 34 -15.37 -15.39 20.75
N GLN A 35 -15.39 -16.37 19.85
CA GLN A 35 -15.18 -17.76 20.27
C GLN A 35 -13.73 -17.84 20.72
N ILE A 36 -12.87 -17.10 20.02
CA ILE A 36 -11.45 -17.03 20.32
C ILE A 36 -11.28 -15.73 21.10
N ASP A 37 -10.82 -15.83 22.35
CA ASP A 37 -10.62 -14.63 23.15
C ASP A 37 -9.29 -14.65 23.89
N ALA A 38 -9.03 -13.59 24.65
CA ALA A 38 -7.77 -13.49 25.37
C ALA A 38 -7.54 -14.61 26.38
N SER A 39 -8.62 -15.27 26.80
CA SER A 39 -8.51 -16.35 27.77
C SER A 39 -8.13 -17.69 27.15
N ASN A 40 -8.40 -17.87 25.87
CA ASN A 40 -8.10 -19.15 25.22
C ASN A 40 -7.29 -19.10 23.94
N VAL A 41 -6.85 -17.91 23.53
CA VAL A 41 -6.10 -17.79 22.30
C VAL A 41 -4.76 -18.54 22.37
N ARG A 42 -4.33 -18.87 23.57
CA ARG A 42 -3.08 -19.61 23.72
C ARG A 42 -3.23 -21.00 23.08
N SER A 43 -4.48 -21.44 22.93
CA SER A 43 -4.77 -22.74 22.32
C SER A 43 -4.97 -22.65 20.81
N LEU A 44 -4.80 -21.45 20.26
CA LEU A 44 -4.96 -21.26 18.82
C LEU A 44 -3.89 -22.04 18.07
N GLY A 45 -4.28 -22.66 16.96
CA GLY A 45 -3.33 -23.41 16.17
C GLY A 45 -3.68 -23.30 14.69
N LEU A 46 -2.77 -23.77 13.84
CA LEU A 46 -3.01 -23.75 12.40
C LEU A 46 -4.04 -24.83 12.10
N ALA A 47 -5.16 -24.44 11.49
CA ALA A 47 -6.22 -25.40 11.14
C ALA A 47 -5.90 -26.04 9.80
N TRP A 48 -5.61 -25.21 8.82
CA TRP A 48 -5.27 -25.68 7.49
C TRP A 48 -4.59 -24.57 6.73
N TYR A 49 -3.99 -24.92 5.59
CA TYR A 49 -3.31 -23.92 4.79
C TYR A 49 -3.30 -24.31 3.32
N MET A 50 -3.06 -23.33 2.47
CA MET A 50 -3.01 -23.55 1.04
C MET A 50 -1.75 -22.93 0.47
N ASP A 51 -0.94 -23.75 -0.18
CA ASP A 51 0.28 -23.26 -0.81
C ASP A 51 -0.18 -22.55 -2.06
N LEU A 52 0.44 -21.41 -2.37
CA LEU A 52 0.05 -20.64 -3.54
C LEU A 52 1.20 -20.48 -4.53
N ASP A 53 0.91 -20.65 -5.82
CA ASP A 53 1.92 -20.49 -6.86
C ASP A 53 2.06 -18.97 -6.95
N ASN A 54 2.84 -18.42 -6.03
CA ASN A 54 3.02 -16.97 -5.93
C ASN A 54 4.39 -16.71 -5.30
N THR A 55 5.13 -15.74 -5.85
CA THR A 55 6.45 -15.42 -5.33
C THR A 55 6.64 -13.94 -5.09
N ARG A 56 5.55 -13.18 -5.20
CA ARG A 56 5.60 -11.75 -4.97
C ARG A 56 4.69 -11.38 -3.80
N GLY A 57 4.58 -10.10 -3.49
CA GLY A 57 3.77 -9.67 -2.37
C GLY A 57 2.31 -10.07 -2.38
N LEU A 58 1.83 -10.54 -1.22
CA LEU A 58 0.42 -10.90 -1.04
C LEU A 58 -0.13 -9.85 -0.09
N GLU A 59 -0.96 -8.95 -0.60
CA GLU A 59 -1.51 -7.87 0.22
C GLU A 59 -3.02 -7.97 0.44
N ALA A 60 -3.65 -9.00 -0.10
CA ALA A 60 -5.09 -9.13 0.00
C ALA A 60 -5.69 -9.41 1.37
N THR A 61 -6.87 -8.85 1.59
CA THR A 61 -7.64 -9.09 2.79
C THR A 61 -8.72 -10.02 2.22
N PRO A 62 -8.75 -11.28 2.68
CA PRO A 62 -9.77 -12.19 2.15
C PRO A 62 -11.17 -11.78 2.56
N LEU A 63 -12.16 -12.15 1.74
CA LEU A 63 -13.55 -11.87 2.06
C LEU A 63 -14.17 -13.25 2.29
N PHE A 64 -15.18 -13.32 3.16
CA PHE A 64 -15.85 -14.59 3.40
C PHE A 64 -17.36 -14.43 3.29
N HIS A 65 -17.97 -15.26 2.46
CA HIS A 65 -19.41 -15.23 2.27
C HIS A 65 -19.98 -16.60 1.89
N ASP A 66 -20.97 -17.03 2.65
CA ASP A 66 -21.64 -18.29 2.40
C ASP A 66 -20.67 -19.47 2.21
N GLY A 67 -19.78 -19.65 3.18
CA GLY A 67 -18.83 -20.75 3.12
C GLY A 67 -17.65 -20.62 2.17
N VAL A 68 -17.57 -19.52 1.44
CA VAL A 68 -16.48 -19.33 0.50
C VAL A 68 -15.55 -18.17 0.81
N ILE A 69 -14.25 -18.42 0.64
CA ILE A 69 -13.23 -17.40 0.86
C ILE A 69 -12.83 -16.85 -0.51
N TYR A 70 -12.92 -15.53 -0.67
CA TYR A 70 -12.55 -14.88 -1.92
C TYR A 70 -11.31 -14.04 -1.68
N THR A 71 -10.24 -14.31 -2.41
CA THR A 71 -9.01 -13.56 -2.19
C THR A 71 -8.25 -13.40 -3.50
N SER A 72 -7.10 -12.72 -3.45
CA SER A 72 -6.30 -12.49 -4.63
C SER A 72 -4.82 -12.76 -4.37
N MET A 73 -4.05 -12.87 -5.45
CA MET A 73 -2.62 -13.14 -5.35
C MET A 73 -1.88 -12.11 -6.19
N SER A 74 -0.56 -12.24 -6.26
CA SER A 74 0.25 -11.33 -7.06
C SER A 74 -0.23 -11.37 -8.51
N TRP A 75 0.02 -10.29 -9.23
CA TRP A 75 -0.36 -10.13 -10.62
C TRP A 75 -1.88 -10.07 -10.84
N SER A 76 -2.59 -9.65 -9.79
CA SER A 76 -4.04 -9.48 -9.86
C SER A 76 -4.87 -10.73 -10.08
N ARG A 77 -4.36 -11.89 -9.70
CA ARG A 77 -5.11 -13.13 -9.87
C ARG A 77 -6.09 -13.33 -8.72
N VAL A 78 -7.26 -13.87 -9.05
CA VAL A 78 -8.30 -14.11 -8.07
C VAL A 78 -8.60 -15.60 -7.90
N ILE A 79 -8.87 -16.02 -6.67
CA ILE A 79 -9.21 -17.41 -6.40
C ILE A 79 -10.30 -17.50 -5.35
N ALA A 80 -11.16 -18.50 -5.49
CA ALA A 80 -12.23 -18.72 -4.54
C ALA A 80 -11.86 -20.04 -3.85
N VAL A 81 -11.91 -20.05 -2.53
CA VAL A 81 -11.55 -21.25 -1.77
C VAL A 81 -12.69 -21.71 -0.87
N ASP A 82 -13.06 -22.99 -0.96
CA ASP A 82 -14.13 -23.52 -0.14
C ASP A 82 -13.59 -23.66 1.28
N ALA A 83 -14.15 -22.91 2.22
CA ALA A 83 -13.68 -22.92 3.60
C ALA A 83 -13.89 -24.24 4.35
N ALA A 84 -14.80 -25.06 3.87
CA ALA A 84 -15.05 -26.34 4.53
C ALA A 84 -14.07 -27.42 4.07
N SER A 85 -13.83 -27.49 2.76
CA SER A 85 -12.93 -28.49 2.21
C SER A 85 -11.49 -27.98 2.07
N GLY A 86 -11.34 -26.67 1.98
CA GLY A 86 -10.02 -26.08 1.83
C GLY A 86 -9.54 -26.16 0.38
N LYS A 87 -10.42 -26.59 -0.50
CA LYS A 87 -10.09 -26.73 -1.92
C LYS A 87 -10.35 -25.47 -2.73
N GLU A 88 -9.51 -25.23 -3.73
CA GLU A 88 -9.67 -24.08 -4.61
C GLU A 88 -10.86 -24.38 -5.53
N LEU A 89 -11.89 -23.53 -5.47
CA LEU A 89 -13.08 -23.71 -6.29
C LEU A 89 -12.81 -23.29 -7.73
N TRP A 90 -12.16 -22.16 -7.89
CA TRP A 90 -11.82 -21.64 -9.21
C TRP A 90 -10.80 -20.53 -9.06
N ARG A 91 -10.18 -20.14 -10.17
CA ARG A 91 -9.23 -19.05 -10.15
C ARG A 91 -9.34 -18.28 -11.44
N TYR A 92 -9.13 -16.98 -11.35
CA TYR A 92 -9.19 -16.13 -12.53
C TYR A 92 -7.85 -15.43 -12.67
N ASP A 93 -7.26 -15.53 -13.84
CA ASP A 93 -5.98 -14.90 -14.11
C ASP A 93 -6.17 -13.95 -15.29
N PRO A 94 -6.08 -12.63 -15.03
CA PRO A 94 -6.26 -11.62 -16.08
C PRO A 94 -5.08 -11.60 -17.04
N GLU A 95 -4.04 -12.37 -16.71
CA GLU A 95 -2.84 -12.46 -17.54
C GLU A 95 -2.19 -11.10 -17.79
N VAL A 96 -1.80 -10.43 -16.72
CA VAL A 96 -1.14 -9.14 -16.82
C VAL A 96 0.28 -9.36 -17.34
N ALA A 97 0.68 -8.57 -18.32
CA ALA A 97 2.03 -8.69 -18.87
C ALA A 97 2.99 -8.43 -17.72
N LYS A 98 3.93 -9.35 -17.51
CA LYS A 98 4.90 -9.19 -16.42
C LYS A 98 5.68 -7.88 -16.47
N VAL A 99 5.99 -7.41 -17.68
CA VAL A 99 6.73 -6.16 -17.80
C VAL A 99 5.88 -4.94 -17.40
N LYS A 100 4.60 -5.16 -17.12
CA LYS A 100 3.74 -4.06 -16.69
C LYS A 100 4.29 -3.51 -15.37
N ALA A 101 5.10 -4.32 -14.70
CA ALA A 101 5.68 -3.92 -13.42
C ALA A 101 6.61 -2.72 -13.59
N ARG A 102 7.08 -2.48 -14.81
CA ARG A 102 7.96 -1.33 -15.04
C ARG A 102 7.20 -0.05 -14.72
N THR A 103 5.87 -0.09 -14.87
CA THR A 103 5.04 1.07 -14.57
C THR A 103 4.04 0.77 -13.44
N SER A 104 4.51 0.00 -12.47
CA SER A 104 3.77 -0.38 -11.26
C SER A 104 4.83 -0.19 -10.17
N CYS A 105 4.74 0.95 -9.48
CA CYS A 105 5.69 1.34 -8.44
C CYS A 105 6.03 0.42 -7.32
N CYS A 106 5.03 -0.30 -6.84
CA CYS A 106 5.24 -1.00 -5.61
C CYS A 106 4.97 -2.49 -5.48
N ASP A 107 5.53 -3.28 -6.39
CA ASP A 107 5.39 -4.74 -6.42
C ASP A 107 4.06 -5.09 -7.12
N ALA A 108 3.99 -6.28 -7.69
CA ALA A 108 2.81 -6.74 -8.41
C ALA A 108 1.73 -7.20 -7.43
N VAL A 109 1.26 -6.27 -6.61
CA VAL A 109 0.27 -6.59 -5.58
C VAL A 109 -1.19 -6.27 -5.85
N ASN A 110 -2.05 -6.86 -5.03
CA ASN A 110 -3.49 -6.65 -5.10
C ASN A 110 -4.03 -6.81 -3.67
N ARG A 111 -4.76 -5.81 -3.19
CA ARG A 111 -5.27 -5.84 -1.83
C ARG A 111 -6.60 -6.55 -1.60
N GLY A 112 -7.14 -7.17 -2.64
CA GLY A 112 -8.39 -7.88 -2.46
C GLY A 112 -9.49 -7.54 -3.43
N VAL A 113 -10.58 -8.31 -3.35
CA VAL A 113 -11.73 -8.15 -4.21
C VAL A 113 -12.91 -7.60 -3.41
N ALA A 114 -14.02 -7.38 -4.12
CA ALA A 114 -15.26 -6.89 -3.52
C ALA A 114 -16.37 -7.83 -3.96
N LEU A 115 -17.48 -7.80 -3.22
CA LEU A 115 -18.64 -8.64 -3.53
C LEU A 115 -19.89 -7.80 -3.68
N TRP A 116 -20.78 -8.24 -4.57
CA TRP A 116 -22.05 -7.57 -4.79
C TRP A 116 -22.90 -8.49 -5.66
N GLY A 117 -24.14 -8.72 -5.24
CA GLY A 117 -25.00 -9.61 -5.99
C GLY A 117 -24.37 -10.99 -5.98
N ASP A 118 -24.20 -11.58 -7.16
CA ASP A 118 -23.57 -12.88 -7.26
C ASP A 118 -22.24 -12.77 -8.00
N LYS A 119 -21.62 -11.60 -7.89
CA LYS A 119 -20.35 -11.36 -8.57
C LYS A 119 -19.20 -10.97 -7.63
N VAL A 120 -18.00 -11.05 -8.18
CA VAL A 120 -16.76 -10.71 -7.49
C VAL A 120 -16.08 -9.66 -8.36
N TYR A 121 -15.53 -8.61 -7.73
CA TYR A 121 -14.89 -7.53 -8.47
C TYR A 121 -13.42 -7.37 -8.09
N VAL A 122 -12.59 -7.13 -9.10
CA VAL A 122 -11.16 -6.97 -8.90
C VAL A 122 -10.55 -5.95 -9.86
N GLY A 123 -9.54 -5.23 -9.38
CA GLY A 123 -8.85 -4.25 -10.20
C GLY A 123 -7.50 -4.85 -10.56
N THR A 124 -7.01 -4.59 -11.77
CA THR A 124 -5.75 -5.16 -12.20
C THR A 124 -4.59 -4.18 -12.37
N LEU A 125 -3.38 -4.72 -12.36
CA LEU A 125 -2.17 -3.93 -12.52
C LEU A 125 -2.16 -3.15 -13.83
N ASP A 126 -2.85 -3.65 -14.85
CA ASP A 126 -2.88 -2.93 -16.12
C ASP A 126 -4.07 -2.00 -16.30
N GLY A 127 -4.76 -1.69 -15.20
CA GLY A 127 -5.88 -0.77 -15.28
C GLY A 127 -7.29 -1.26 -15.51
N ARG A 128 -7.51 -2.56 -15.47
CA ARG A 128 -8.85 -3.08 -15.68
C ARG A 128 -9.64 -3.29 -14.40
N LEU A 129 -10.97 -3.14 -14.50
CA LEU A 129 -11.88 -3.39 -13.39
C LEU A 129 -12.72 -4.51 -13.98
N ILE A 130 -12.62 -5.70 -13.38
CA ILE A 130 -13.32 -6.86 -13.89
C ILE A 130 -14.33 -7.46 -12.93
N ALA A 131 -15.47 -7.86 -13.48
CA ALA A 131 -16.54 -8.48 -12.70
C ALA A 131 -16.54 -9.96 -13.05
N LEU A 132 -16.52 -10.81 -12.01
CA LEU A 132 -16.50 -12.24 -12.19
C LEU A 132 -17.68 -12.91 -11.52
N ASP A 133 -18.13 -14.03 -12.09
CA ASP A 133 -19.24 -14.78 -11.52
C ASP A 133 -18.69 -15.43 -10.24
N ALA A 134 -19.36 -15.20 -9.12
CA ALA A 134 -18.91 -15.73 -7.83
C ALA A 134 -18.82 -17.25 -7.80
N LYS A 135 -19.81 -17.92 -8.37
CA LYS A 135 -19.85 -19.38 -8.36
C LYS A 135 -18.81 -20.07 -9.24
N THR A 136 -18.61 -19.58 -10.47
CA THR A 136 -17.68 -20.21 -11.39
C THR A 136 -16.39 -19.46 -11.72
N GLY A 137 -16.33 -18.17 -11.42
CA GLY A 137 -15.13 -17.42 -11.69
C GLY A 137 -15.03 -16.92 -13.12
N LYS A 138 -16.10 -17.09 -13.90
CA LYS A 138 -16.08 -16.62 -15.29
C LYS A 138 -16.28 -15.11 -15.36
N ALA A 139 -15.55 -14.45 -16.24
CA ALA A 139 -15.65 -13.00 -16.41
C ALA A 139 -17.01 -12.61 -17.00
N ILE A 140 -17.63 -11.61 -16.41
CA ILE A 140 -18.92 -11.11 -16.85
C ILE A 140 -18.73 -9.82 -17.64
N TRP A 141 -17.92 -8.91 -17.10
CA TRP A 141 -17.62 -7.67 -17.80
C TRP A 141 -16.27 -7.12 -17.38
N SER A 142 -15.66 -6.36 -18.28
CA SER A 142 -14.36 -5.78 -18.02
C SER A 142 -14.29 -4.37 -18.57
N GLN A 143 -13.68 -3.48 -17.79
CA GLN A 143 -13.54 -2.09 -18.19
C GLN A 143 -12.10 -1.65 -18.06
N GLN A 144 -11.57 -1.05 -19.12
CA GLN A 144 -10.21 -0.53 -19.10
C GLN A 144 -10.39 0.88 -18.53
N THR A 145 -10.23 0.99 -17.21
CA THR A 145 -10.43 2.28 -16.54
C THR A 145 -9.37 3.32 -16.80
N THR A 146 -8.18 2.89 -17.21
CA THR A 146 -7.09 3.83 -17.47
C THR A 146 -6.53 3.75 -18.88
N ASP A 147 -5.87 4.83 -19.31
CA ASP A 147 -5.26 4.90 -20.62
C ASP A 147 -4.06 3.94 -20.59
N PRO A 148 -4.12 2.86 -21.39
CA PRO A 148 -3.02 1.89 -21.43
C PRO A 148 -1.66 2.51 -21.71
N ALA A 149 -1.68 3.66 -22.40
CA ALA A 149 -0.45 4.36 -22.76
C ALA A 149 0.20 5.07 -21.57
N LYS A 150 -0.59 5.36 -20.54
CA LYS A 150 -0.07 6.05 -19.37
C LYS A 150 0.30 5.06 -18.25
N PRO A 151 1.29 5.42 -17.41
CA PRO A 151 1.77 4.59 -16.30
C PRO A 151 0.84 4.39 -15.11
N TYR A 152 -0.40 3.98 -15.39
CA TYR A 152 -1.41 3.72 -14.37
C TYR A 152 -1.43 2.23 -14.02
N SER A 153 -2.02 1.92 -12.87
CA SER A 153 -2.15 0.54 -12.42
C SER A 153 -3.15 0.53 -11.27
N ILE A 154 -3.76 -0.62 -10.99
CA ILE A 154 -4.68 -0.72 -9.88
C ILE A 154 -4.17 -1.80 -8.93
N THR A 155 -4.05 -1.46 -7.66
CA THR A 155 -3.53 -2.37 -6.65
C THR A 155 -4.50 -2.52 -5.50
N GLY A 156 -5.37 -1.53 -5.33
CA GLY A 156 -6.32 -1.55 -4.23
C GLY A 156 -7.53 -2.41 -4.45
N ALA A 157 -8.28 -2.60 -3.37
CA ALA A 157 -9.49 -3.39 -3.43
C ALA A 157 -10.65 -2.45 -3.73
N PRO A 158 -11.59 -2.89 -4.58
CA PRO A 158 -12.71 -1.99 -4.85
C PRO A 158 -13.73 -2.15 -3.73
N ARG A 159 -14.65 -1.20 -3.63
CA ARG A 159 -15.75 -1.30 -2.67
C ARG A 159 -17.00 -1.09 -3.50
N VAL A 160 -18.12 -1.68 -3.09
CA VAL A 160 -19.35 -1.50 -3.84
C VAL A 160 -20.37 -0.77 -2.98
N VAL A 161 -20.80 0.39 -3.48
CA VAL A 161 -21.74 1.24 -2.77
C VAL A 161 -22.97 1.52 -3.62
N LYS A 162 -24.13 1.14 -3.09
CA LYS A 162 -25.40 1.37 -3.78
C LYS A 162 -25.37 0.91 -5.24
N GLY A 163 -24.86 -0.30 -5.46
CA GLY A 163 -24.81 -0.84 -6.81
C GLY A 163 -23.73 -0.28 -7.72
N LYS A 164 -22.83 0.53 -7.18
CA LYS A 164 -21.75 1.11 -7.97
C LYS A 164 -20.42 0.62 -7.42
N VAL A 165 -19.57 0.11 -8.30
CA VAL A 165 -18.25 -0.38 -7.90
C VAL A 165 -17.29 0.80 -7.95
N ILE A 166 -16.71 1.12 -6.79
CA ILE A 166 -15.78 2.24 -6.69
C ILE A 166 -14.33 1.77 -6.74
N ILE A 167 -13.54 2.37 -7.62
CA ILE A 167 -12.14 2.00 -7.73
C ILE A 167 -11.32 3.19 -8.22
N GLY A 168 -10.08 3.26 -7.76
CA GLY A 168 -9.18 4.33 -8.17
C GLY A 168 -8.05 3.68 -8.93
N ASN A 169 -6.84 4.15 -8.69
CA ASN A 169 -5.65 3.60 -9.34
C ASN A 169 -4.39 4.21 -8.73
N GLY A 170 -3.23 3.81 -9.24
CA GLY A 170 -1.98 4.33 -8.75
C GLY A 170 -1.07 4.70 -9.89
N GLY A 171 0.06 5.35 -9.59
CA GLY A 171 0.99 5.74 -10.64
C GLY A 171 1.58 7.12 -10.46
N ALA A 172 1.31 7.75 -9.32
CA ALA A 172 1.82 9.10 -9.07
C ALA A 172 3.35 9.18 -9.10
N GLU A 173 4.03 8.08 -8.81
CA GLU A 173 5.49 8.09 -8.83
C GLU A 173 6.02 8.30 -10.24
N TYR A 174 5.32 7.75 -11.24
CA TYR A 174 5.72 7.90 -12.63
C TYR A 174 5.19 9.22 -13.18
N GLY A 175 4.03 9.63 -12.66
CA GLY A 175 3.41 10.86 -13.10
C GLY A 175 2.10 10.61 -13.81
N VAL A 176 0.99 10.71 -13.07
CA VAL A 176 -0.34 10.52 -13.65
C VAL A 176 -1.33 11.44 -12.97
N ARG A 177 -2.52 11.57 -13.56
CA ARG A 177 -3.56 12.42 -13.01
C ARG A 177 -4.52 11.52 -12.23
N GLY A 178 -4.66 11.79 -10.94
CA GLY A 178 -5.52 10.98 -10.10
C GLY A 178 -7.01 11.13 -10.32
N PHE A 179 -7.75 10.08 -9.99
CA PHE A 179 -9.20 10.07 -10.11
C PHE A 179 -9.80 8.81 -9.51
N VAL A 180 -11.08 8.89 -9.15
CA VAL A 180 -11.80 7.76 -8.60
C VAL A 180 -13.08 7.69 -9.43
N SER A 181 -13.50 6.47 -9.77
CA SER A 181 -14.69 6.29 -10.59
C SER A 181 -15.68 5.34 -9.94
N ALA A 182 -16.92 5.39 -10.44
CA ALA A 182 -18.00 4.52 -9.98
C ALA A 182 -18.54 3.84 -11.23
N TYR A 183 -18.51 2.51 -11.24
CA TYR A 183 -19.01 1.74 -12.38
C TYR A 183 -20.23 0.91 -11.95
N ASP A 184 -21.20 0.75 -12.85
CA ASP A 184 -22.39 -0.02 -12.56
C ASP A 184 -22.01 -1.49 -12.31
N ALA A 185 -22.39 -2.00 -11.14
CA ALA A 185 -22.07 -3.37 -10.74
C ALA A 185 -22.56 -4.45 -11.70
N ASP A 186 -23.69 -4.21 -12.35
CA ASP A 186 -24.24 -5.21 -13.27
C ASP A 186 -23.70 -5.15 -14.69
N THR A 187 -23.41 -3.96 -15.18
CA THR A 187 -22.94 -3.80 -16.55
C THR A 187 -21.52 -3.29 -16.73
N GLY A 188 -21.00 -2.58 -15.73
CA GLY A 188 -19.66 -2.04 -15.83
C GLY A 188 -19.66 -0.65 -16.46
N LYS A 189 -20.85 -0.16 -16.80
CA LYS A 189 -20.97 1.17 -17.39
C LYS A 189 -20.54 2.25 -16.39
N LEU A 190 -19.70 3.18 -16.85
CA LEU A 190 -19.22 4.26 -16.00
C LEU A 190 -20.37 5.17 -15.57
N ALA A 191 -20.57 5.30 -14.27
CA ALA A 191 -21.63 6.16 -13.73
C ALA A 191 -21.11 7.58 -13.60
N TRP A 192 -19.97 7.73 -12.93
CA TRP A 192 -19.35 9.05 -12.77
C TRP A 192 -17.88 8.92 -12.41
N ARG A 193 -17.14 10.00 -12.64
CA ARG A 193 -15.72 10.02 -12.32
C ARG A 193 -15.34 11.36 -11.71
N PHE A 194 -14.59 11.29 -10.61
CA PHE A 194 -14.15 12.49 -9.93
C PHE A 194 -12.63 12.56 -10.01
N TYR A 195 -12.11 13.51 -10.78
CA TYR A 195 -10.67 13.68 -10.88
C TYR A 195 -10.25 14.45 -9.63
N THR A 196 -9.13 14.05 -9.04
CA THR A 196 -8.65 14.68 -7.82
C THR A 196 -7.76 15.90 -8.05
N VAL A 197 -7.30 16.06 -9.28
CA VAL A 197 -6.46 17.21 -9.64
C VAL A 197 -6.92 17.74 -11.00
N PRO A 198 -6.76 19.05 -11.24
CA PRO A 198 -7.15 19.69 -12.49
C PRO A 198 -6.32 19.21 -13.68
N GLY A 199 -6.90 19.26 -14.87
CA GLY A 199 -6.20 18.85 -16.07
C GLY A 199 -5.78 20.04 -16.92
N ASP A 200 -5.51 19.81 -18.19
CA ASP A 200 -5.10 20.85 -19.13
C ASP A 200 -6.12 21.98 -19.20
N PRO A 201 -5.68 23.23 -18.97
CA PRO A 201 -6.59 24.38 -19.02
C PRO A 201 -7.24 24.58 -20.39
N ALA A 202 -6.64 24.01 -21.42
CA ALA A 202 -7.16 24.13 -22.78
C ALA A 202 -8.44 23.33 -22.98
N LEU A 203 -8.71 22.42 -22.06
CA LEU A 203 -9.90 21.59 -22.12
C LEU A 203 -10.81 21.95 -20.96
N PRO A 204 -12.12 21.68 -21.09
CA PRO A 204 -13.08 21.99 -20.03
C PRO A 204 -12.81 21.21 -18.75
N TYR A 205 -13.26 21.75 -17.62
CA TYR A 205 -13.10 21.05 -16.35
C TYR A 205 -14.20 19.98 -16.39
N GLU A 206 -13.88 18.76 -15.96
CA GLU A 206 -14.86 17.68 -15.97
C GLU A 206 -16.00 17.91 -14.97
N HIS A 207 -15.72 18.66 -13.91
CA HIS A 207 -16.72 18.99 -12.91
C HIS A 207 -16.29 20.28 -12.21
N PRO A 208 -17.26 21.08 -11.72
CA PRO A 208 -17.02 22.36 -11.05
C PRO A 208 -15.94 22.43 -9.97
N GLU A 209 -15.79 21.37 -9.19
CA GLU A 209 -14.79 21.35 -8.14
C GLU A 209 -13.39 21.60 -8.67
N LEU A 210 -13.12 21.11 -9.88
CA LEU A 210 -11.80 21.27 -10.49
C LEU A 210 -11.46 22.72 -10.80
N ARG A 211 -12.47 23.50 -11.15
CA ARG A 211 -12.26 24.91 -11.45
C ARG A 211 -11.73 25.59 -10.20
N GLU A 212 -12.32 25.26 -9.07
CA GLU A 212 -11.91 25.85 -7.81
C GLU A 212 -10.52 25.35 -7.40
N ALA A 213 -10.27 24.07 -7.62
CA ALA A 213 -8.99 23.48 -7.26
C ALA A 213 -7.86 24.12 -8.06
N ALA A 214 -8.13 24.38 -9.34
CA ALA A 214 -7.15 24.98 -10.24
C ALA A 214 -6.54 26.27 -9.69
N LYS A 215 -7.32 26.99 -8.87
CA LYS A 215 -6.84 28.24 -8.29
C LYS A 215 -5.70 28.01 -7.31
N THR A 216 -5.52 26.76 -6.88
CA THR A 216 -4.47 26.43 -5.93
C THR A 216 -3.24 25.79 -6.58
N TRP A 217 -3.13 25.93 -7.90
CA TRP A 217 -1.98 25.39 -8.62
C TRP A 217 -1.32 26.54 -9.39
N GLN A 218 0.00 26.45 -9.54
CA GLN A 218 0.77 27.48 -10.25
C GLN A 218 1.59 26.90 -11.41
N GLY A 219 1.80 27.71 -12.44
CA GLY A 219 2.60 27.26 -13.56
C GLY A 219 1.84 26.52 -14.65
N ASP A 220 2.55 26.15 -15.70
CA ASP A 220 1.95 25.45 -16.83
C ASP A 220 2.55 24.07 -17.06
N GLN A 221 2.99 23.41 -16.00
CA GLN A 221 3.60 22.09 -16.15
C GLN A 221 2.90 20.96 -15.38
N TYR A 222 2.11 21.31 -14.38
CA TYR A 222 1.46 20.27 -13.59
C TYR A 222 0.57 19.29 -14.35
N TRP A 223 -0.14 19.73 -15.37
CA TRP A 223 -0.99 18.80 -16.10
C TRP A 223 -0.19 17.93 -17.06
N LYS A 224 0.99 18.41 -17.44
CA LYS A 224 1.85 17.63 -18.34
C LYS A 224 2.55 16.54 -17.56
N LEU A 225 2.84 16.85 -16.30
CA LEU A 225 3.54 15.92 -15.41
C LEU A 225 2.55 14.96 -14.73
N GLY A 226 1.26 15.26 -14.86
CA GLY A 226 0.23 14.43 -14.26
C GLY A 226 -0.50 15.10 -13.11
N GLY A 227 0.27 15.64 -12.17
CA GLY A 227 -0.34 16.30 -11.02
C GLY A 227 -0.38 15.40 -9.80
N GLY A 228 -0.75 14.15 -10.00
CA GLY A 228 -0.82 13.19 -8.91
C GLY A 228 -2.19 13.08 -8.28
N GLY A 229 -2.22 12.78 -6.98
CA GLY A 229 -3.47 12.66 -6.26
C GLY A 229 -4.21 11.35 -6.50
N THR A 230 -3.47 10.30 -6.83
CA THR A 230 -4.08 9.00 -7.09
C THR A 230 -4.81 8.44 -5.88
N VAL A 231 -5.94 7.79 -6.14
CA VAL A 231 -6.77 7.16 -5.12
C VAL A 231 -6.50 5.65 -5.24
N TRP A 232 -5.38 5.22 -4.68
CA TRP A 232 -4.96 3.83 -4.80
C TRP A 232 -5.27 2.85 -3.67
N ASP A 233 -5.99 3.28 -2.64
CA ASP A 233 -6.24 2.36 -1.54
C ASP A 233 -7.57 2.51 -0.81
N SER A 234 -7.54 3.23 0.30
CA SER A 234 -8.70 3.40 1.17
C SER A 234 -9.87 4.28 0.76
N MET A 235 -11.03 3.93 1.31
CA MET A 235 -12.30 4.63 1.11
C MET A 235 -13.29 4.02 2.09
N ALA A 236 -14.28 4.80 2.51
CA ALA A 236 -15.29 4.32 3.45
C ALA A 236 -16.66 4.82 3.01
N TYR A 237 -17.71 4.34 3.68
CA TYR A 237 -19.06 4.72 3.31
C TYR A 237 -20.03 4.73 4.48
N ASP A 238 -20.83 5.78 4.56
CA ASP A 238 -21.84 5.91 5.60
C ASP A 238 -23.19 6.04 4.89
N PRO A 239 -23.99 4.97 4.90
CA PRO A 239 -25.30 4.96 4.25
C PRO A 239 -26.31 5.95 4.84
N GLU A 240 -26.19 6.24 6.14
CA GLU A 240 -27.10 7.18 6.79
C GLU A 240 -26.86 8.61 6.32
N LEU A 241 -25.60 8.98 6.18
CA LEU A 241 -25.25 10.32 5.73
C LEU A 241 -25.19 10.35 4.20
N ASP A 242 -25.18 9.17 3.60
CA ASP A 242 -25.09 9.01 2.16
C ASP A 242 -23.82 9.68 1.66
N LEU A 243 -22.70 9.32 2.26
CA LEU A 243 -21.42 9.89 1.87
C LEU A 243 -20.34 8.83 1.65
N LEU A 244 -19.66 8.95 0.53
CA LEU A 244 -18.57 8.05 0.17
C LEU A 244 -17.29 8.82 0.51
N TYR A 245 -16.46 8.27 1.39
CA TYR A 245 -15.23 8.96 1.76
C TYR A 245 -14.07 8.34 1.00
N VAL A 246 -13.24 9.18 0.38
CA VAL A 246 -12.11 8.70 -0.40
C VAL A 246 -10.82 9.43 -0.04
N GLY A 247 -9.71 8.69 -0.04
CA GLY A 247 -8.43 9.27 0.27
C GLY A 247 -7.62 9.44 -0.99
N THR A 248 -7.00 10.60 -1.17
CA THR A 248 -6.21 10.89 -2.35
C THR A 248 -4.72 10.87 -2.03
N GLY A 249 -3.89 10.63 -3.06
CA GLY A 249 -2.47 10.53 -2.85
C GLY A 249 -1.57 11.73 -3.05
N ASN A 250 -0.27 11.43 -3.17
CA ASN A 250 0.77 12.44 -3.35
C ASN A 250 0.79 13.05 -4.74
N GLY A 251 1.53 14.15 -4.88
CA GLY A 251 1.61 14.82 -6.17
C GLY A 251 2.63 14.22 -7.12
N SER A 252 2.47 14.57 -8.40
CA SER A 252 3.36 14.10 -9.46
C SER A 252 3.92 15.34 -10.18
N PRO A 253 5.22 15.63 -10.03
CA PRO A 253 6.21 14.89 -9.23
C PRO A 253 5.97 15.18 -7.75
N TRP A 254 6.74 14.53 -6.89
CA TRP A 254 6.63 14.72 -5.45
C TRP A 254 6.91 16.17 -5.06
N ASN A 255 8.02 16.69 -5.58
CA ASN A 255 8.53 18.02 -5.32
C ASN A 255 7.69 19.15 -5.93
N ARG A 256 7.00 19.90 -5.06
CA ARG A 256 6.16 20.99 -5.53
C ARG A 256 6.94 22.07 -6.28
N GLU A 257 8.21 22.25 -5.95
CA GLU A 257 9.03 23.25 -6.62
C GLU A 257 9.10 23.01 -8.11
N VAL A 258 8.88 21.77 -8.52
CA VAL A 258 8.90 21.42 -9.94
C VAL A 258 7.45 21.28 -10.42
N ARG A 259 6.63 20.60 -9.62
CA ARG A 259 5.23 20.38 -9.94
C ARG A 259 4.41 21.66 -10.08
N SER A 260 4.54 22.54 -9.09
CA SER A 260 3.83 23.81 -9.03
C SER A 260 4.82 24.83 -8.49
N PRO A 261 5.77 25.26 -9.34
CA PRO A 261 6.81 26.24 -8.96
C PRO A 261 6.37 27.40 -8.08
N GLY A 262 5.28 28.06 -8.47
CA GLY A 262 4.78 29.19 -7.71
C GLY A 262 4.15 28.88 -6.36
N GLY A 263 4.05 27.60 -6.01
CA GLY A 263 3.46 27.23 -4.74
C GLY A 263 2.01 26.80 -4.84
N GLY A 264 1.27 26.94 -3.75
CA GLY A 264 -0.14 26.57 -3.75
C GLY A 264 -0.46 25.28 -3.01
N ASP A 265 -1.69 25.18 -2.53
CA ASP A 265 -2.13 23.99 -1.80
C ASP A 265 -2.25 22.78 -2.73
N ASN A 266 -2.47 23.05 -4.01
CA ASN A 266 -2.61 21.99 -5.00
C ASN A 266 -3.72 20.98 -4.68
N LEU A 267 -4.94 21.47 -4.50
CA LEU A 267 -6.10 20.61 -4.21
C LEU A 267 -6.35 19.74 -5.45
N TYR A 268 -6.76 18.48 -5.28
CA TYR A 268 -7.06 17.89 -3.97
C TYR A 268 -6.02 16.85 -3.56
N LEU A 269 -4.74 17.19 -3.68
CA LEU A 269 -3.68 16.26 -3.29
C LEU A 269 -3.78 15.99 -1.80
N SER A 270 -3.36 14.78 -1.40
CA SER A 270 -3.35 14.37 0.00
C SER A 270 -4.57 14.92 0.76
N SER A 271 -5.76 14.52 0.33
CA SER A 271 -7.01 14.97 0.93
C SER A 271 -7.98 13.83 1.20
N ILE A 272 -8.93 14.10 2.08
CA ILE A 272 -9.98 13.15 2.40
C ILE A 272 -11.21 13.79 1.76
N LEU A 273 -11.85 13.08 0.84
CA LEU A 273 -13.01 13.63 0.16
C LEU A 273 -14.30 12.93 0.57
N ALA A 274 -15.35 13.73 0.76
CA ALA A 274 -16.67 13.19 1.09
C ALA A 274 -17.49 13.43 -0.17
N ILE A 275 -17.80 12.35 -0.87
CA ILE A 275 -18.52 12.41 -2.13
C ILE A 275 -19.91 11.78 -2.13
N ARG A 276 -20.82 12.37 -2.89
CA ARG A 276 -22.19 11.86 -3.01
C ARG A 276 -22.09 10.66 -3.95
N PRO A 277 -22.27 9.44 -3.41
CA PRO A 277 -22.20 8.21 -4.21
C PRO A 277 -23.08 8.15 -5.46
N ASP A 278 -24.24 8.78 -5.40
CA ASP A 278 -25.16 8.78 -6.53
C ASP A 278 -24.72 9.66 -7.70
N THR A 279 -24.07 10.78 -7.38
CA THR A 279 -23.68 11.73 -8.41
C THR A 279 -22.20 12.01 -8.62
N GLY A 280 -21.38 11.79 -7.60
CA GLY A 280 -19.97 12.07 -7.72
C GLY A 280 -19.68 13.51 -7.31
N LYS A 281 -20.69 14.18 -6.75
CA LYS A 281 -20.54 15.56 -6.31
C LYS A 281 -19.86 15.61 -4.94
N LEU A 282 -18.92 16.53 -4.80
CA LEU A 282 -18.19 16.68 -3.54
C LEU A 282 -19.05 17.37 -2.49
N ALA A 283 -19.13 16.79 -1.30
CA ALA A 283 -19.91 17.36 -0.19
C ALA A 283 -18.98 18.21 0.66
N TRP A 284 -17.79 17.67 0.95
CA TRP A 284 -16.77 18.38 1.71
C TRP A 284 -15.42 17.70 1.53
N HIS A 285 -14.35 18.43 1.84
CA HIS A 285 -13.02 17.88 1.74
C HIS A 285 -12.16 18.43 2.87
N TYR A 286 -11.09 17.72 3.18
CA TYR A 286 -10.13 18.14 4.18
C TYR A 286 -8.77 17.79 3.61
N GLN A 287 -7.91 18.78 3.43
CA GLN A 287 -6.60 18.51 2.88
C GLN A 287 -5.62 18.17 3.99
N VAL A 288 -5.20 16.92 3.99
CA VAL A 288 -4.27 16.41 4.99
C VAL A 288 -2.88 17.03 4.86
N THR A 289 -2.36 17.15 3.64
CA THR A 289 -1.04 17.73 3.44
C THR A 289 -1.03 18.78 2.33
N PRO A 290 -1.37 20.04 2.65
CA PRO A 290 -1.38 21.09 1.63
C PRO A 290 -0.01 21.19 0.95
N GLY A 291 -0.02 21.33 -0.37
CA GLY A 291 1.21 21.44 -1.13
C GLY A 291 2.18 20.29 -0.96
N ASP A 292 1.65 19.11 -0.65
CA ASP A 292 2.46 17.91 -0.45
C ASP A 292 3.69 17.85 -1.35
N SER A 293 4.86 17.75 -0.73
CA SER A 293 6.10 17.69 -1.48
C SER A 293 6.99 16.57 -0.92
N TRP A 294 6.36 15.58 -0.28
CA TRP A 294 7.11 14.50 0.36
C TRP A 294 6.61 13.06 0.11
N ASP A 295 5.72 12.89 -0.86
CA ASP A 295 5.13 11.58 -1.15
C ASP A 295 4.16 11.26 0.00
N PHE A 296 3.65 12.31 0.65
CA PHE A 296 2.72 12.13 1.76
C PHE A 296 1.28 11.98 1.28
N THR A 297 0.88 10.73 1.11
CA THR A 297 -0.46 10.39 0.67
C THR A 297 -1.47 10.50 1.81
N ALA A 298 -2.74 10.48 1.45
CA ALA A 298 -3.83 10.51 2.42
C ALA A 298 -4.76 9.39 1.95
N THR A 299 -4.14 8.32 1.44
CA THR A 299 -4.86 7.15 0.94
C THR A 299 -4.90 6.05 1.99
N GLN A 300 -4.34 6.34 3.16
CA GLN A 300 -4.33 5.36 4.24
C GLN A 300 -5.74 5.12 4.75
N GLN A 301 -5.91 4.05 5.53
CA GLN A 301 -7.21 3.65 6.04
C GLN A 301 -8.06 4.75 6.67
N ILE A 302 -9.30 4.83 6.19
CA ILE A 302 -10.27 5.79 6.67
C ILE A 302 -11.32 5.01 7.46
N THR A 303 -11.38 5.25 8.77
CA THR A 303 -12.31 4.52 9.62
C THR A 303 -13.38 5.42 10.23
N LEU A 304 -14.63 4.98 10.11
CA LEU A 304 -15.76 5.73 10.66
C LEU A 304 -16.10 5.14 12.03
N ALA A 305 -16.47 6.00 12.96
CA ALA A 305 -16.83 5.55 14.30
C ALA A 305 -17.60 6.61 15.06
N GLU A 306 -18.14 6.22 16.21
CA GLU A 306 -18.88 7.14 17.07
C GLU A 306 -18.09 7.25 18.36
N LEU A 307 -17.64 8.45 18.67
CA LEU A 307 -16.85 8.68 19.87
C LEU A 307 -17.45 9.81 20.70
N ASN A 308 -17.15 9.80 22.00
CA ASN A 308 -17.63 10.85 22.88
C ASN A 308 -16.49 11.84 23.07
N ILE A 309 -16.64 13.02 22.49
CA ILE A 309 -15.63 14.07 22.58
C ILE A 309 -16.14 15.22 23.43
N ASP A 310 -15.41 15.53 24.50
CA ASP A 310 -15.79 16.61 25.40
C ASP A 310 -17.22 16.41 25.90
N GLY A 311 -17.56 15.17 26.22
CA GLY A 311 -18.88 14.86 26.72
C GLY A 311 -20.00 14.83 25.70
N LYS A 312 -19.66 14.98 24.41
CA LYS A 312 -20.67 14.97 23.36
C LYS A 312 -20.44 13.86 22.34
N PRO A 313 -21.50 13.10 22.01
CA PRO A 313 -21.39 12.02 21.02
C PRO A 313 -21.12 12.59 19.64
N ARG A 314 -20.03 12.16 19.01
CA ARG A 314 -19.67 12.65 17.68
C ARG A 314 -19.56 11.55 16.64
N LYS A 315 -19.97 11.87 15.41
CA LYS A 315 -19.89 10.94 14.29
C LYS A 315 -18.58 11.31 13.62
N VAL A 316 -17.53 10.54 13.89
CA VAL A 316 -16.22 10.85 13.35
C VAL A 316 -15.71 9.97 12.21
N LEU A 317 -14.60 10.44 11.65
CA LEU A 317 -13.88 9.78 10.58
C LEU A 317 -12.44 9.90 11.06
N MET A 318 -11.74 8.78 11.10
CA MET A 318 -10.36 8.80 11.58
C MET A 318 -9.40 8.30 10.49
N GLN A 319 -8.18 8.82 10.52
CA GLN A 319 -7.15 8.41 9.59
C GLN A 319 -5.77 8.72 10.17
N ALA A 320 -4.83 7.82 9.93
CA ALA A 320 -3.46 7.98 10.38
C ALA A 320 -2.62 7.83 9.11
N PRO A 321 -2.58 8.89 8.28
CA PRO A 321 -1.82 8.87 7.03
C PRO A 321 -0.30 8.89 7.17
N LYS A 322 0.39 8.89 6.04
CA LYS A 322 1.85 8.89 6.01
C LYS A 322 2.54 10.02 6.78
N ASN A 323 1.95 11.22 6.77
CA ASN A 323 2.60 12.36 7.41
C ASN A 323 2.80 12.28 8.92
N GLY A 324 2.23 11.28 9.58
CA GLY A 324 2.44 11.13 11.00
C GLY A 324 1.44 11.73 11.97
N PHE A 325 0.41 12.39 11.46
CA PHE A 325 -0.61 12.96 12.35
C PHE A 325 -1.83 12.04 12.36
N PHE A 326 -2.48 11.93 13.51
CA PHE A 326 -3.68 11.12 13.61
C PHE A 326 -4.84 12.09 13.55
N TYR A 327 -5.69 11.93 12.55
CA TYR A 327 -6.81 12.84 12.37
C TYR A 327 -8.17 12.32 12.80
N VAL A 328 -8.92 13.19 13.47
CA VAL A 328 -10.27 12.87 13.90
C VAL A 328 -11.10 14.03 13.34
N LEU A 329 -11.96 13.72 12.38
CA LEU A 329 -12.79 14.74 11.77
C LEU A 329 -14.26 14.43 12.00
N ASP A 330 -15.10 15.46 11.93
CA ASP A 330 -16.54 15.25 12.05
C ASP A 330 -16.88 14.77 10.65
N ARG A 331 -17.34 13.53 10.52
CA ARG A 331 -17.63 13.00 9.19
C ARG A 331 -18.88 13.55 8.51
N THR A 332 -19.67 14.36 9.21
CA THR A 332 -20.88 14.91 8.60
C THR A 332 -20.55 16.18 7.81
N ASN A 333 -19.55 16.94 8.25
CA ASN A 333 -19.20 18.19 7.58
C ASN A 333 -17.71 18.41 7.31
N GLY A 334 -16.88 17.48 7.74
CA GLY A 334 -15.45 17.61 7.51
C GLY A 334 -14.67 18.52 8.45
N LYS A 335 -15.32 19.02 9.50
CA LYS A 335 -14.63 19.89 10.44
C LYS A 335 -13.58 19.08 11.22
N LEU A 336 -12.41 19.67 11.41
CA LEU A 336 -11.34 19.00 12.15
C LEU A 336 -11.63 19.05 13.64
N ILE A 337 -11.63 17.89 14.28
CA ILE A 337 -11.87 17.81 15.72
C ILE A 337 -10.54 17.80 16.45
N SER A 338 -9.58 17.04 15.91
CA SER A 338 -8.25 16.98 16.51
C SER A 338 -7.26 16.36 15.55
N ALA A 339 -5.98 16.65 15.78
CA ALA A 339 -4.89 16.13 14.95
C ALA A 339 -3.61 16.23 15.77
N GLU A 340 -3.05 15.07 16.13
CA GLU A 340 -1.83 15.02 16.92
C GLU A 340 -0.88 13.99 16.35
N LYS A 341 0.41 14.15 16.62
CA LYS A 341 1.43 13.24 16.13
C LYS A 341 1.32 11.86 16.79
N PHE A 342 1.39 10.80 16.00
CA PHE A 342 1.31 9.45 16.58
C PHE A 342 2.66 8.75 16.48
N GLY A 343 3.70 9.54 16.20
CA GLY A 343 5.05 9.03 16.10
C GLY A 343 6.01 10.18 15.88
N LYS A 344 7.24 9.88 15.44
CA LYS A 344 8.23 10.91 15.20
C LYS A 344 7.83 11.75 13.98
N VAL A 345 7.63 13.04 14.19
CA VAL A 345 7.25 13.96 13.11
C VAL A 345 8.04 15.25 13.25
N THR A 346 8.89 15.54 12.27
CA THR A 346 9.70 16.76 12.33
C THR A 346 9.46 17.73 11.17
N TRP A 347 8.67 17.32 10.18
CA TRP A 347 8.42 18.20 9.04
C TRP A 347 7.44 19.31 9.42
N ALA A 348 6.67 19.07 10.49
CA ALA A 348 5.70 20.05 10.95
C ALA A 348 5.68 20.10 12.47
N GLU A 349 5.45 21.30 13.02
CA GLU A 349 5.41 21.50 14.45
C GLU A 349 4.11 20.97 15.04
N LYS A 350 3.03 21.12 14.27
CA LYS A 350 1.70 20.67 14.68
C LYS A 350 0.73 21.03 13.56
N VAL A 351 -0.53 20.69 13.76
CA VAL A 351 -1.57 21.05 12.81
C VAL A 351 -2.39 22.07 13.58
N ASP A 352 -2.49 23.28 13.04
CA ASP A 352 -3.23 24.35 13.71
C ASP A 352 -4.73 24.04 13.69
N LEU A 353 -5.28 23.81 14.88
CA LEU A 353 -6.70 23.47 15.01
C LEU A 353 -7.63 24.47 14.33
N ALA A 354 -7.38 25.75 14.51
CA ALA A 354 -8.21 26.79 13.91
C ALA A 354 -8.19 26.77 12.39
N THR A 355 -7.00 26.81 11.79
CA THR A 355 -6.89 26.80 10.34
C THR A 355 -7.03 25.40 9.75
N GLY A 356 -6.63 24.39 10.53
CA GLY A 356 -6.71 23.02 10.06
C GLY A 356 -5.50 22.72 9.20
N ARG A 357 -4.60 23.69 9.10
CA ARG A 357 -3.39 23.56 8.30
C ARG A 357 -2.16 23.24 9.15
N PRO A 358 -1.28 22.37 8.64
CA PRO A 358 -0.06 22.02 9.39
C PRO A 358 0.87 23.23 9.44
N VAL A 359 1.58 23.37 10.55
CA VAL A 359 2.53 24.46 10.70
C VAL A 359 3.89 23.86 10.35
N GLU A 360 4.35 24.13 9.13
CA GLU A 360 5.61 23.58 8.66
C GLU A 360 6.86 24.13 9.34
N ALA A 361 7.80 23.23 9.60
CA ALA A 361 9.07 23.57 10.24
C ALA A 361 9.97 24.20 9.18
N PRO A 362 11.00 24.95 9.61
CA PRO A 362 11.92 25.60 8.69
C PRO A 362 12.66 24.66 7.74
N GLY A 363 12.70 25.04 6.46
CA GLY A 363 13.41 24.26 5.45
C GLY A 363 12.89 22.90 5.04
N VAL A 364 11.72 22.50 5.52
CA VAL A 364 11.19 21.19 5.16
C VAL A 364 10.82 21.03 3.69
N ARG A 365 10.72 22.14 2.97
CA ARG A 365 10.39 22.07 1.53
C ARG A 365 11.65 22.03 0.69
N TYR A 366 12.77 21.81 1.39
CA TYR A 366 14.09 21.66 0.81
C TYR A 366 14.41 22.45 -0.46
N GLU A 367 13.98 23.70 -0.53
CA GLU A 367 14.25 24.52 -1.72
C GLU A 367 15.73 24.78 -1.95
N LYS A 368 16.44 25.17 -0.90
CA LYS A 368 17.85 25.50 -1.01
C LYS A 368 18.82 24.40 -0.59
N GLU A 369 18.43 23.61 0.41
CA GLU A 369 19.27 22.53 0.90
C GLU A 369 18.44 21.28 1.13
N PRO A 370 19.05 20.10 0.97
CA PRO A 370 18.32 18.84 1.17
C PRO A 370 17.88 18.74 2.62
N ILE A 371 16.80 18.03 2.89
CA ILE A 371 16.31 17.90 4.25
C ILE A 371 16.18 16.45 4.68
N VAL A 372 16.53 16.21 5.94
CA VAL A 372 16.39 14.88 6.53
C VAL A 372 15.27 15.12 7.54
N MET A 373 14.19 14.37 7.39
CA MET A 373 13.02 14.54 8.26
C MET A 373 12.26 13.25 8.46
N TRP A 374 11.19 13.34 9.24
CA TRP A 374 10.30 12.21 9.55
C TRP A 374 8.87 12.75 9.45
N PRO A 375 7.95 11.97 8.87
CA PRO A 375 8.15 10.64 8.29
C PRO A 375 8.88 10.69 6.94
N SER A 376 8.83 9.57 6.21
CA SER A 376 9.48 9.46 4.92
C SER A 376 8.45 8.96 3.90
N PRO A 377 8.89 8.72 2.65
CA PRO A 377 7.95 8.24 1.62
C PRO A 377 7.30 6.91 2.04
N PHE A 378 7.96 6.16 2.91
CA PHE A 378 7.42 4.89 3.37
C PHE A 378 6.28 5.13 4.36
N GLY A 379 6.21 6.36 4.87
CA GLY A 379 5.17 6.76 5.80
C GLY A 379 5.23 6.26 7.22
N ALA A 380 4.68 7.05 8.14
CA ALA A 380 4.63 6.67 9.55
C ALA A 380 3.62 5.53 9.62
N HIS A 381 2.74 5.50 8.62
CA HIS A 381 1.73 4.46 8.46
C HIS A 381 1.40 4.40 6.98
N ASN A 382 1.59 3.23 6.38
CA ASN A 382 1.32 3.06 4.95
C ASN A 382 0.01 2.29 4.77
N TRP A 383 -0.08 1.48 3.71
CA TRP A 383 -1.30 0.72 3.43
C TRP A 383 -1.62 -0.40 4.42
N HIS A 384 -0.64 -0.86 5.19
CA HIS A 384 -0.86 -1.94 6.15
C HIS A 384 -2.03 -1.51 7.03
N SER A 385 -3.08 -2.33 7.07
CA SER A 385 -4.30 -2.01 7.80
C SER A 385 -4.20 -1.72 9.29
N MET A 386 -5.10 -0.86 9.74
CA MET A 386 -5.21 -0.55 11.16
C MET A 386 -6.60 -1.08 11.48
N SER A 387 -6.98 -1.09 12.75
CA SER A 387 -8.29 -1.57 13.13
C SER A 387 -8.77 -0.82 14.36
N PHE A 388 -10.08 -0.77 14.53
CA PHE A 388 -10.70 -0.08 15.66
C PHE A 388 -11.51 -1.08 16.48
N ASN A 389 -11.37 -0.99 17.79
CA ASN A 389 -12.11 -1.86 18.70
C ASN A 389 -13.03 -0.96 19.51
N PRO A 390 -14.34 -0.98 19.21
CA PRO A 390 -15.32 -0.15 19.92
C PRO A 390 -15.32 -0.41 21.43
N GLY A 391 -14.92 -1.62 21.81
CA GLY A 391 -14.89 -1.99 23.22
C GLY A 391 -13.80 -1.28 24.00
N THR A 392 -12.59 -1.22 23.43
CA THR A 392 -11.48 -0.54 24.10
C THR A 392 -11.37 0.91 23.66
N GLY A 393 -12.01 1.22 22.54
CA GLY A 393 -11.98 2.57 22.00
C GLY A 393 -10.63 2.93 21.40
N LEU A 394 -9.80 1.92 21.16
CA LEU A 394 -8.46 2.15 20.62
C LEU A 394 -8.31 1.75 19.15
N VAL A 395 -7.35 2.39 18.48
CA VAL A 395 -7.06 2.13 17.08
C VAL A 395 -5.65 1.54 17.02
N TYR A 396 -5.53 0.32 16.48
CA TYR A 396 -4.24 -0.36 16.40
C TYR A 396 -3.57 -0.12 15.06
N ILE A 397 -2.47 0.62 15.13
CA ILE A 397 -1.72 1.04 13.94
C ILE A 397 -0.36 0.38 13.73
N PRO A 398 -0.06 -0.01 12.48
CA PRO A 398 1.24 -0.62 12.16
C PRO A 398 2.19 0.55 11.97
N TYR A 399 2.64 1.15 13.07
CA TYR A 399 3.53 2.30 13.02
C TYR A 399 4.90 2.02 12.41
N GLN A 400 5.43 3.01 11.72
CA GLN A 400 6.73 2.90 11.07
C GLN A 400 7.57 4.15 11.32
N GLU A 401 8.85 3.95 11.62
CA GLU A 401 9.75 5.07 11.85
C GLU A 401 10.96 4.93 10.91
N VAL A 402 10.96 5.73 9.85
CA VAL A 402 12.03 5.70 8.85
C VAL A 402 12.37 7.14 8.45
N PRO A 403 13.66 7.45 8.29
CA PRO A 403 14.08 8.81 7.91
C PRO A 403 13.80 9.13 6.44
N GLY A 404 13.28 10.32 6.18
CA GLY A 404 13.00 10.75 4.82
C GLY A 404 14.07 11.75 4.40
N VAL A 405 14.64 11.56 3.21
CA VAL A 405 15.67 12.47 2.70
C VAL A 405 15.20 13.01 1.36
N TYR A 406 15.07 14.33 1.24
CA TYR A 406 14.61 14.95 0.02
C TYR A 406 15.56 16.03 -0.50
N ARG A 407 15.79 16.02 -1.81
CA ARG A 407 16.67 16.99 -2.47
C ARG A 407 15.92 17.62 -3.64
N ASN A 408 16.03 18.94 -3.77
CA ASN A 408 15.35 19.66 -4.84
C ASN A 408 16.11 19.56 -6.17
N GLU A 409 15.66 18.69 -7.05
CA GLU A 409 16.30 18.52 -8.35
C GLU A 409 16.08 19.79 -9.18
N GLY A 410 15.08 20.56 -8.77
CA GLY A 410 14.74 21.82 -9.42
C GLY A 410 14.91 21.94 -10.92
N LYS A 411 15.70 22.94 -11.33
CA LYS A 411 15.94 23.19 -12.74
C LYS A 411 16.60 22.03 -13.45
N ASP A 412 17.28 21.18 -12.69
CA ASP A 412 17.96 20.03 -13.25
C ASP A 412 17.03 18.83 -13.44
N PHE A 413 15.77 18.98 -13.02
CA PHE A 413 14.81 17.89 -13.18
C PHE A 413 14.58 17.54 -14.63
N VAL A 414 14.50 16.25 -14.91
CA VAL A 414 14.26 15.76 -16.25
C VAL A 414 13.30 14.59 -16.16
N THR A 415 12.19 14.69 -16.90
CA THR A 415 11.20 13.63 -16.90
C THR A 415 11.77 12.42 -17.62
N ARG A 416 11.66 11.25 -16.98
CA ARG A 416 12.18 10.02 -17.56
C ARG A 416 11.09 8.96 -17.57
N LYS A 417 11.35 7.87 -18.28
CA LYS A 417 10.42 6.76 -18.33
C LYS A 417 10.85 5.89 -17.16
N ALA A 418 10.57 6.39 -15.97
CA ALA A 418 10.91 5.75 -14.71
C ALA A 418 10.28 6.64 -13.64
N PHE A 419 10.67 6.44 -12.39
CA PHE A 419 10.15 7.28 -11.31
C PHE A 419 10.50 8.74 -11.61
N ASN A 420 9.54 9.64 -11.38
CA ASN A 420 9.75 11.07 -11.58
C ASN A 420 9.37 11.81 -10.30
N THR A 421 10.21 11.71 -9.28
CA THR A 421 9.94 12.35 -8.00
C THR A 421 10.44 13.80 -7.94
N ALA A 422 11.51 14.09 -8.67
CA ALA A 422 12.10 15.43 -8.68
C ALA A 422 12.59 15.77 -7.27
N ALA A 423 12.65 14.77 -6.41
CA ALA A 423 13.06 14.96 -5.02
C ALA A 423 14.31 14.16 -4.62
N GLY A 424 15.07 13.72 -5.62
CA GLY A 424 16.28 12.96 -5.35
C GLY A 424 16.09 11.62 -4.66
N PHE A 425 14.96 10.97 -4.92
CA PHE A 425 14.69 9.67 -4.31
C PHE A 425 15.76 8.66 -4.76
N ALA A 426 16.28 8.87 -5.97
CA ALA A 426 17.31 8.00 -6.55
C ALA A 426 18.64 8.05 -5.81
N ASP A 427 18.83 9.05 -4.96
CA ASP A 427 20.08 9.19 -4.20
C ASP A 427 20.29 8.10 -3.16
N ALA A 428 19.19 7.53 -2.68
CA ALA A 428 19.23 6.49 -1.65
C ALA A 428 20.04 5.26 -2.04
N THR A 429 20.95 4.85 -1.17
CA THR A 429 21.79 3.68 -1.44
C THR A 429 21.61 2.58 -0.40
N ASP A 430 20.69 2.79 0.54
CA ASP A 430 20.44 1.79 1.58
C ASP A 430 19.34 2.27 2.52
N VAL A 431 18.84 1.33 3.32
CA VAL A 431 17.82 1.60 4.33
C VAL A 431 18.33 0.81 5.53
N PRO A 432 19.35 1.36 6.22
CA PRO A 432 20.00 0.77 7.39
C PRO A 432 19.06 0.30 8.49
N ALA A 433 19.39 -0.83 9.08
CA ALA A 433 18.57 -1.37 10.17
C ALA A 433 18.63 -0.42 11.36
N ALA A 434 19.77 0.26 11.51
CA ALA A 434 19.97 1.18 12.63
C ALA A 434 19.05 2.41 12.60
N VAL A 435 18.59 2.82 11.43
CA VAL A 435 17.74 4.00 11.34
C VAL A 435 16.24 3.71 11.19
N VAL A 436 15.85 2.45 11.27
CA VAL A 436 14.44 2.12 11.14
C VAL A 436 13.91 1.33 12.33
N SER A 437 12.59 1.39 12.51
CA SER A 437 11.92 0.66 13.57
C SER A 437 10.43 0.69 13.27
N GLY A 438 9.68 -0.17 13.96
CA GLY A 438 8.25 -0.22 13.77
C GLY A 438 7.62 -0.51 15.12
N ALA A 439 6.29 -0.56 15.16
CA ALA A 439 5.62 -0.86 16.41
C ALA A 439 4.13 -1.06 16.21
N LEU A 440 3.54 -1.87 17.07
CA LEU A 440 2.10 -2.07 17.03
C LEU A 440 1.67 -1.00 18.01
N LEU A 441 1.05 0.04 17.48
CA LEU A 441 0.61 1.17 18.28
C LEU A 441 -0.87 1.17 18.57
N ALA A 442 -1.22 1.15 19.86
CA ALA A 442 -2.62 1.19 20.30
C ALA A 442 -2.91 2.65 20.60
N TRP A 443 -3.58 3.31 19.67
CA TRP A 443 -3.87 4.73 19.79
C TRP A 443 -5.27 5.07 20.31
N ASP A 444 -5.31 6.02 21.24
CA ASP A 444 -6.58 6.47 21.82
C ASP A 444 -6.94 7.74 21.04
N PRO A 445 -7.97 7.65 20.17
CA PRO A 445 -8.42 8.78 19.35
C PRO A 445 -9.03 9.95 20.12
N VAL A 446 -9.61 9.68 21.28
CA VAL A 446 -10.23 10.74 22.08
C VAL A 446 -9.15 11.53 22.81
N LYS A 447 -8.24 10.81 23.47
CA LYS A 447 -7.15 11.45 24.21
C LYS A 447 -6.00 11.85 23.30
N GLN A 448 -5.96 11.26 22.09
CA GLN A 448 -4.89 11.53 21.14
C GLN A 448 -3.57 11.22 21.82
N LYS A 449 -3.48 10.00 22.35
CA LYS A 449 -2.31 9.54 23.08
C LYS A 449 -2.23 8.03 22.94
N ALA A 450 -1.02 7.49 23.09
CA ALA A 450 -0.83 6.05 22.99
C ALA A 450 -1.26 5.34 24.26
N ALA A 451 -2.07 4.28 24.12
CA ALA A 451 -2.53 3.50 25.27
C ALA A 451 -1.41 2.51 25.60
N TRP A 452 -0.87 1.88 24.55
CA TRP A 452 0.24 0.95 24.69
C TRP A 452 0.97 0.83 23.35
N LYS A 453 2.18 0.29 23.38
CA LYS A 453 2.97 0.17 22.17
C LYS A 453 3.92 -1.03 22.22
N VAL A 454 3.85 -1.89 21.22
CA VAL A 454 4.74 -3.05 21.15
C VAL A 454 5.77 -2.75 20.07
N PRO A 455 7.06 -2.73 20.43
CA PRO A 455 8.11 -2.44 19.47
C PRO A 455 8.56 -3.60 18.58
N TYR A 456 8.93 -3.27 17.35
CA TYR A 456 9.43 -4.23 16.38
C TYR A 456 10.75 -3.66 15.86
N PRO A 457 11.73 -4.53 15.54
CA PRO A 457 13.03 -4.10 15.04
C PRO A 457 12.96 -3.25 13.77
N THR A 458 11.99 -3.52 12.91
CA THR A 458 11.86 -2.74 11.68
C THR A 458 10.42 -2.37 11.38
N HIS A 459 10.26 -1.64 10.29
CA HIS A 459 8.96 -1.21 9.82
C HIS A 459 8.51 -2.32 8.86
N TRP A 460 7.44 -2.04 8.12
CA TRP A 460 6.87 -2.97 7.15
C TRP A 460 6.24 -4.24 7.69
N ASN A 461 5.58 -4.12 8.85
CA ASN A 461 4.88 -5.25 9.45
C ASN A 461 3.46 -5.20 8.88
N GLY A 462 2.70 -6.27 9.05
CA GLY A 462 1.35 -6.34 8.50
C GLY A 462 0.23 -5.56 9.17
N GLY A 463 -0.96 -5.65 8.59
CA GLY A 463 -2.12 -4.94 9.12
C GLY A 463 -2.63 -5.59 10.40
N THR A 464 -3.59 -4.94 11.05
CA THR A 464 -4.15 -5.47 12.28
C THR A 464 -5.60 -5.88 12.11
N LEU A 465 -6.08 -6.67 13.06
CA LEU A 465 -7.45 -7.15 13.12
C LEU A 465 -7.90 -7.08 14.58
N SER A 466 -9.07 -6.51 14.82
CA SER A 466 -9.61 -6.40 16.17
C SER A 466 -10.85 -7.27 16.29
N THR A 467 -11.07 -7.89 17.45
CA THR A 467 -12.25 -8.71 17.68
C THR A 467 -12.84 -8.45 19.07
N ALA A 468 -14.08 -8.91 19.26
CA ALA A 468 -14.79 -8.72 20.53
C ALA A 468 -14.25 -9.61 21.66
N GLY A 469 -13.23 -10.40 21.34
CA GLY A 469 -12.65 -11.26 22.36
C GLY A 469 -11.44 -10.64 23.03
N ASN A 470 -11.38 -9.31 23.03
CA ASN A 470 -10.28 -8.57 23.63
C ASN A 470 -8.96 -8.97 22.98
N LEU A 471 -8.96 -9.03 21.65
CA LEU A 471 -7.77 -9.42 20.91
C LEU A 471 -7.49 -8.54 19.70
N VAL A 472 -6.21 -8.47 19.35
CA VAL A 472 -5.77 -7.75 18.17
C VAL A 472 -4.75 -8.70 17.53
N PHE A 473 -4.95 -9.02 16.26
CA PHE A 473 -4.04 -9.92 15.54
C PHE A 473 -3.20 -9.13 14.54
N GLN A 474 -1.95 -9.57 14.36
CA GLN A 474 -1.05 -8.91 13.41
C GLN A 474 0.10 -9.83 13.00
N GLY A 475 0.48 -9.74 11.73
CA GLY A 475 1.59 -10.52 11.21
C GLY A 475 2.77 -9.57 11.12
N THR A 476 3.99 -10.10 11.20
CA THR A 476 5.18 -9.25 11.17
C THR A 476 6.17 -9.48 10.03
N ALA A 477 7.04 -8.49 9.83
CA ALA A 477 8.06 -8.57 8.80
C ALA A 477 9.02 -9.72 9.14
N ALA A 478 9.23 -9.93 10.44
CA ALA A 478 10.13 -10.98 10.91
C ALA A 478 9.59 -12.39 10.71
N GLY A 479 8.34 -12.51 10.27
CA GLY A 479 7.78 -13.81 10.00
C GLY A 479 6.88 -14.48 11.03
N GLN A 480 6.21 -13.71 11.89
CA GLN A 480 5.32 -14.30 12.88
C GLN A 480 3.90 -13.77 12.78
N MET A 481 2.97 -14.55 13.32
CA MET A 481 1.58 -14.16 13.41
C MET A 481 1.45 -13.97 14.92
N HIS A 482 0.83 -12.87 15.32
CA HIS A 482 0.67 -12.54 16.73
C HIS A 482 -0.77 -12.30 17.15
N ALA A 483 -0.98 -12.41 18.46
CA ALA A 483 -2.26 -12.14 19.08
C ALA A 483 -1.89 -11.45 20.39
N TYR A 484 -2.45 -10.26 20.63
CA TYR A 484 -2.18 -9.53 21.86
C TYR A 484 -3.50 -9.13 22.50
N SER A 485 -3.49 -8.90 23.81
CA SER A 485 -4.70 -8.48 24.48
C SER A 485 -5.01 -7.08 23.94
N ALA A 486 -6.26 -6.84 23.58
CA ALA A 486 -6.65 -5.55 23.02
C ALA A 486 -6.46 -4.39 24.00
N ASP A 487 -6.78 -4.63 25.27
CA ASP A 487 -6.68 -3.60 26.27
C ASP A 487 -5.29 -3.22 26.76
N LYS A 488 -4.39 -4.20 26.91
CA LYS A 488 -3.05 -3.90 27.42
C LYS A 488 -1.87 -4.24 26.53
N GLY A 489 -2.11 -4.93 25.42
CA GLY A 489 -1.03 -5.27 24.52
C GLY A 489 -0.14 -6.41 25.00
N GLU A 490 -0.68 -7.28 25.84
CA GLU A 490 0.09 -8.42 26.35
C GLU A 490 0.21 -9.47 25.25
N ALA A 491 1.42 -9.99 25.04
CA ALA A 491 1.64 -11.02 24.02
C ALA A 491 0.94 -12.30 24.48
N LEU A 492 0.02 -12.80 23.69
CA LEU A 492 -0.74 -14.00 24.07
C LEU A 492 -0.52 -15.24 23.22
N TRP A 493 -0.18 -15.07 21.95
CA TRP A 493 0.02 -16.20 21.05
C TRP A 493 0.93 -15.82 19.88
N GLN A 494 1.87 -16.71 19.56
CA GLN A 494 2.80 -16.49 18.44
C GLN A 494 2.87 -17.73 17.58
N PHE A 495 3.14 -17.54 16.29
CA PHE A 495 3.24 -18.64 15.35
C PHE A 495 4.26 -18.29 14.27
N GLU A 496 5.13 -19.24 13.92
CA GLU A 496 6.13 -19.00 12.88
C GLU A 496 5.45 -19.29 11.53
N ALA A 497 5.17 -18.23 10.79
CA ALA A 497 4.47 -18.32 9.51
C ALA A 497 5.29 -18.73 8.28
N GLN A 498 6.61 -18.69 8.39
CA GLN A 498 7.52 -19.06 7.29
C GLN A 498 7.59 -18.03 6.16
N SER A 499 6.99 -16.88 6.39
CA SER A 499 7.00 -15.80 5.42
C SER A 499 6.75 -14.48 6.12
N GLY A 500 7.37 -13.43 5.62
CA GLY A 500 7.15 -12.11 6.20
C GLY A 500 5.69 -11.82 5.86
N ILE A 501 4.99 -11.11 6.73
CA ILE A 501 3.58 -10.82 6.48
C ILE A 501 3.32 -9.31 6.41
N VAL A 502 2.61 -8.90 5.36
CA VAL A 502 2.28 -7.49 5.17
C VAL A 502 0.76 -7.27 5.07
N ALA A 503 0.03 -8.31 4.64
CA ALA A 503 -1.42 -8.23 4.52
C ALA A 503 -2.07 -8.15 5.90
N ALA A 504 -3.39 -8.00 5.91
CA ALA A 504 -4.14 -7.90 7.16
C ALA A 504 -4.93 -9.16 7.47
N PRO A 505 -4.98 -9.56 8.75
CA PRO A 505 -5.74 -10.75 9.10
C PRO A 505 -7.23 -10.47 9.07
N MET A 506 -8.04 -11.51 8.87
CA MET A 506 -9.48 -11.36 8.89
C MET A 506 -10.02 -12.60 9.59
N THR A 507 -11.27 -12.54 10.04
CA THR A 507 -11.85 -13.68 10.74
C THR A 507 -13.31 -13.87 10.33
N PHE A 508 -13.77 -15.12 10.39
CA PHE A 508 -15.13 -15.46 10.01
C PHE A 508 -15.58 -16.71 10.76
N GLU A 509 -16.86 -17.03 10.64
CA GLU A 509 -17.40 -18.20 11.30
C GLU A 509 -17.97 -19.18 10.27
N LEU A 510 -17.66 -20.46 10.44
CA LEU A 510 -18.14 -21.50 9.54
C LEU A 510 -18.60 -22.68 10.38
N ALA A 511 -19.85 -23.07 10.23
CA ALA A 511 -20.42 -24.18 10.98
C ALA A 511 -20.17 -24.04 12.49
N GLY A 512 -20.40 -22.83 13.01
CA GLY A 512 -20.23 -22.58 14.44
C GLY A 512 -18.79 -22.52 14.93
N ARG A 513 -17.83 -22.45 14.02
CA ARG A 513 -16.42 -22.42 14.40
C ARG A 513 -15.74 -21.18 13.85
N GLN A 514 -15.02 -20.47 14.71
CA GLN A 514 -14.31 -19.26 14.29
C GLN A 514 -12.93 -19.55 13.71
N TYR A 515 -12.63 -18.92 12.59
CA TYR A 515 -11.33 -19.07 11.93
C TYR A 515 -10.71 -17.71 11.71
N VAL A 516 -9.38 -17.64 11.77
CA VAL A 516 -8.64 -16.42 11.53
C VAL A 516 -7.73 -16.72 10.35
N ALA A 517 -7.88 -15.98 9.26
CA ALA A 517 -7.08 -16.22 8.07
C ALA A 517 -6.16 -15.07 7.74
N ILE A 518 -5.00 -15.39 7.15
CA ILE A 518 -4.04 -14.37 6.77
C ILE A 518 -3.34 -14.80 5.48
N MET A 519 -3.18 -13.85 4.56
CA MET A 519 -2.47 -14.10 3.31
C MET A 519 -1.01 -13.81 3.64
N ALA A 520 -0.21 -14.86 3.73
CA ALA A 520 1.21 -14.71 4.06
C ALA A 520 2.10 -14.72 2.82
N GLY A 521 2.61 -13.55 2.47
CA GLY A 521 3.47 -13.43 1.31
C GLY A 521 4.24 -12.12 1.33
N TRP A 522 5.47 -12.16 1.83
CA TRP A 522 6.34 -10.99 1.94
C TRP A 522 6.43 -10.24 0.62
N GLY A 523 6.22 -8.92 0.68
CA GLY A 523 6.27 -8.10 -0.51
C GLY A 523 5.90 -6.65 -0.25
N GLY A 524 5.62 -5.91 -1.31
CA GLY A 524 5.29 -4.50 -1.15
C GLY A 524 6.51 -3.71 -1.59
N VAL A 525 6.35 -2.41 -1.79
CA VAL A 525 7.45 -1.58 -2.27
C VAL A 525 8.74 -1.66 -1.45
N ALA A 526 8.64 -1.69 -0.12
CA ALA A 526 9.84 -1.74 0.71
C ALA A 526 10.73 -2.96 0.46
N THR A 527 10.13 -4.09 0.09
CA THR A 527 10.90 -5.30 -0.17
C THR A 527 11.64 -5.19 -1.50
N LEU A 528 11.23 -4.24 -2.32
CA LEU A 528 11.87 -4.03 -3.62
C LEU A 528 13.00 -3.00 -3.52
N THR A 529 12.78 -1.92 -2.79
CA THR A 529 13.82 -0.92 -2.62
C THR A 529 14.91 -1.52 -1.73
N GLY A 530 14.53 -2.59 -1.03
CA GLY A 530 15.47 -3.30 -0.17
C GLY A 530 16.24 -2.58 0.91
N GLY A 531 17.55 -2.79 0.92
CA GLY A 531 18.39 -2.18 1.93
C GLY A 531 18.62 -3.20 3.04
N GLU A 532 19.57 -2.91 3.92
CA GLU A 532 19.90 -3.80 5.02
C GLU A 532 18.72 -4.20 5.90
N SER A 533 17.89 -3.23 6.25
CA SER A 533 16.74 -3.46 7.13
C SER A 533 15.73 -4.45 6.56
N MET A 534 15.71 -4.60 5.24
CA MET A 534 14.78 -5.50 4.60
C MET A 534 15.40 -6.86 4.29
N ASN A 535 16.58 -7.10 4.85
CA ASN A 535 17.26 -8.38 4.66
C ASN A 535 17.57 -9.09 5.97
N LEU A 536 16.74 -8.85 6.98
CA LEU A 536 16.93 -9.49 8.28
C LEU A 536 16.24 -10.85 8.23
N PRO A 537 16.57 -11.74 9.18
CA PRO A 537 15.94 -13.07 9.22
C PRO A 537 14.42 -13.03 9.17
N GLY A 538 13.83 -13.97 8.43
CA GLY A 538 12.38 -14.04 8.33
C GLY A 538 11.77 -13.23 7.21
N MET A 539 12.52 -12.28 6.65
CA MET A 539 11.99 -11.44 5.58
C MET A 539 12.09 -12.13 4.22
N LYS A 540 11.38 -13.25 4.11
CA LYS A 540 11.38 -14.03 2.88
C LYS A 540 9.95 -14.36 2.46
N ASN A 541 9.75 -14.54 1.15
CA ASN A 541 8.43 -14.85 0.65
C ASN A 541 8.18 -16.34 0.45
N ARG A 542 7.19 -16.85 1.16
CA ARG A 542 6.76 -18.24 1.05
C ARG A 542 5.25 -18.09 1.10
N SER A 543 4.69 -17.75 -0.06
CA SER A 543 3.26 -17.49 -0.22
C SER A 543 2.28 -18.58 0.18
N ARG A 544 1.46 -18.27 1.16
CA ARG A 544 0.46 -19.22 1.64
C ARG A 544 -0.75 -18.52 2.23
N LEU A 545 -1.88 -19.20 2.20
CA LEU A 545 -3.09 -18.70 2.83
C LEU A 545 -3.10 -19.54 4.09
N LEU A 546 -2.96 -18.90 5.25
CA LEU A 546 -2.93 -19.63 6.52
C LEU A 546 -4.24 -19.40 7.27
N VAL A 547 -4.84 -20.49 7.76
CA VAL A 547 -6.10 -20.40 8.50
C VAL A 547 -5.94 -21.04 9.87
N PHE A 548 -6.22 -20.27 10.91
CA PHE A 548 -6.10 -20.76 12.28
C PHE A 548 -7.45 -20.93 12.96
N ALA A 549 -7.48 -21.77 13.98
CA ALA A 549 -8.68 -22.04 14.76
C ALA A 549 -8.25 -22.71 16.06
N LEU A 550 -9.09 -22.63 17.09
CA LEU A 550 -8.75 -23.23 18.37
C LEU A 550 -8.41 -24.70 18.20
N ASP A 551 -7.30 -25.09 18.82
CA ASP A 551 -6.81 -26.47 18.77
C ASP A 551 -6.49 -26.94 17.36
N GLY A 552 -6.07 -26.01 16.50
CA GLY A 552 -5.71 -26.39 15.15
C GLY A 552 -4.48 -27.28 15.24
N LYS A 553 -4.45 -28.34 14.44
CA LYS A 553 -3.33 -29.27 14.49
C LYS A 553 -2.45 -29.35 13.25
N ALA A 554 -2.67 -28.48 12.27
CA ALA A 554 -1.85 -28.49 11.06
C ALA A 554 -0.43 -28.00 11.36
N GLN A 555 0.52 -28.43 10.55
CA GLN A 555 1.92 -28.04 10.71
C GLN A 555 2.53 -27.72 9.35
N LEU A 556 3.29 -26.64 9.28
CA LEU A 556 3.94 -26.28 8.04
C LEU A 556 5.21 -27.12 7.95
N PRO A 557 5.53 -27.63 6.76
CA PRO A 557 6.75 -28.45 6.63
C PRO A 557 8.00 -27.59 6.65
N PRO A 558 9.12 -28.19 7.08
CA PRO A 558 10.39 -27.44 7.12
C PRO A 558 10.87 -27.21 5.69
N PRO A 559 11.29 -25.98 5.38
CA PRO A 559 11.78 -25.73 4.01
C PRO A 559 13.10 -26.46 3.79
N ALA A 560 13.42 -26.74 2.52
CA ALA A 560 14.67 -27.41 2.21
C ALA A 560 15.78 -26.36 2.14
N PRO A 561 16.96 -26.67 2.70
CA PRO A 561 18.07 -25.71 2.68
C PRO A 561 18.41 -25.32 1.25
N ALA A 562 18.90 -24.09 1.07
CA ALA A 562 19.27 -23.62 -0.26
C ALA A 562 20.48 -24.40 -0.75
N PRO A 563 20.51 -24.72 -2.05
CA PRO A 563 21.63 -25.47 -2.64
C PRO A 563 22.97 -24.78 -2.40
N ALA A 564 24.04 -25.41 -2.86
CA ALA A 564 25.39 -24.84 -2.71
C ALA A 564 25.50 -23.58 -3.55
N LYS A 565 26.25 -22.60 -3.04
CA LYS A 565 26.44 -21.35 -3.76
C LYS A 565 27.83 -20.77 -3.49
N VAL A 566 28.79 -21.15 -4.32
CA VAL A 566 30.16 -20.65 -4.17
C VAL A 566 30.20 -19.24 -4.76
N GLU A 567 30.15 -18.24 -3.89
CA GLU A 567 30.17 -16.86 -4.35
C GLU A 567 31.46 -16.57 -5.10
N ARG A 568 31.34 -15.85 -6.21
CA ARG A 568 32.48 -15.48 -7.03
C ARG A 568 33.44 -14.58 -6.26
N VAL A 569 34.73 -14.76 -6.49
CA VAL A 569 35.74 -13.92 -5.86
C VAL A 569 35.98 -12.77 -6.83
N PRO A 570 35.41 -11.59 -6.53
CA PRO A 570 35.50 -10.36 -7.33
C PRO A 570 36.90 -9.82 -7.60
N GLN A 571 37.23 -9.68 -8.88
CA GLN A 571 38.52 -9.11 -9.26
C GLN A 571 38.35 -7.61 -9.06
N PRO A 572 39.45 -6.91 -8.72
CA PRO A 572 39.36 -5.46 -8.51
C PRO A 572 38.77 -4.76 -9.73
N VAL A 573 37.92 -3.76 -9.48
CA VAL A 573 37.30 -3.01 -10.56
C VAL A 573 37.87 -1.59 -10.63
N THR A 574 38.75 -1.36 -11.60
CA THR A 574 39.35 -0.06 -11.79
C THR A 574 38.53 0.72 -12.80
N ALA A 575 38.19 1.96 -12.46
CA ALA A 575 37.40 2.80 -13.34
C ALA A 575 37.42 4.26 -12.88
N ALA A 576 37.19 5.17 -13.81
CA ALA A 576 37.18 6.58 -13.49
C ALA A 576 36.05 6.84 -12.51
N PRO A 577 36.32 7.61 -11.44
CA PRO A 577 35.30 7.92 -10.44
C PRO A 577 33.99 8.40 -11.06
N GLU A 578 34.08 9.32 -12.01
CA GLU A 578 32.88 9.85 -12.66
C GLU A 578 32.10 8.77 -13.39
N GLN A 579 32.80 7.77 -13.92
CA GLN A 579 32.15 6.67 -14.64
C GLN A 579 31.35 5.81 -13.67
N VAL A 580 31.93 5.53 -12.51
CA VAL A 580 31.25 4.73 -11.50
C VAL A 580 30.06 5.54 -11.00
N GLN A 581 30.30 6.83 -10.77
CA GLN A 581 29.27 7.75 -10.30
C GLN A 581 28.12 7.83 -11.29
N ALA A 582 28.45 7.84 -12.58
CA ALA A 582 27.42 7.90 -13.61
C ALA A 582 26.56 6.65 -13.51
N GLY A 583 27.22 5.52 -13.29
CA GLY A 583 26.50 4.26 -13.16
C GLY A 583 25.66 4.25 -11.90
N LYS A 584 26.18 4.82 -10.82
CA LYS A 584 25.46 4.87 -9.56
C LYS A 584 24.13 5.61 -9.75
N GLN A 585 24.19 6.75 -10.43
CA GLN A 585 22.99 7.55 -10.69
C GLN A 585 22.01 6.88 -11.62
N LEU A 586 22.50 6.40 -12.77
CA LEU A 586 21.63 5.72 -13.72
C LEU A 586 20.95 4.53 -13.06
N TYR A 587 21.69 3.79 -12.24
CA TYR A 587 21.12 2.64 -11.55
C TYR A 587 20.00 3.10 -10.62
N GLY A 588 20.29 4.12 -9.82
CA GLY A 588 19.30 4.63 -8.88
C GLY A 588 18.04 5.13 -9.56
N GLN A 589 18.20 5.76 -10.72
CA GLN A 589 17.08 6.29 -11.48
C GLN A 589 16.22 5.24 -12.18
N PHE A 590 16.86 4.20 -12.72
CA PHE A 590 16.14 3.17 -13.48
C PHE A 590 16.04 1.76 -12.92
N CYS A 591 16.98 1.35 -12.06
CA CYS A 591 16.95 -0.03 -11.58
C CYS A 591 16.66 -0.28 -10.10
N SER A 592 17.01 0.67 -9.24
CA SER A 592 16.82 0.50 -7.81
C SER A 592 15.40 0.11 -7.37
N VAL A 593 14.39 0.61 -8.06
CA VAL A 593 13.01 0.31 -7.67
C VAL A 593 12.62 -1.16 -7.73
N CYS A 594 13.45 -1.98 -8.36
CA CYS A 594 13.18 -3.41 -8.44
C CYS A 594 14.37 -4.23 -7.92
N HIS A 595 15.59 -3.80 -8.23
CA HIS A 595 16.77 -4.54 -7.78
C HIS A 595 17.36 -4.05 -6.45
N GLY A 596 16.76 -3.02 -5.87
CA GLY A 596 17.22 -2.52 -4.58
C GLY A 596 18.13 -1.30 -4.58
N MET A 597 17.90 -0.43 -3.61
CA MET A 597 18.72 0.77 -3.45
C MET A 597 20.17 0.32 -3.22
N GLY A 598 21.11 0.95 -3.92
CA GLY A 598 22.50 0.60 -3.78
C GLY A 598 22.81 -0.84 -4.17
N THR A 599 21.89 -1.43 -4.93
CA THR A 599 21.97 -2.82 -5.40
C THR A 599 21.70 -3.84 -4.30
N ILE A 600 21.30 -3.34 -3.13
CA ILE A 600 20.99 -4.23 -2.00
C ILE A 600 19.56 -4.75 -2.15
N SER A 601 19.42 -5.79 -2.97
CA SER A 601 18.11 -6.42 -3.25
C SER A 601 17.37 -6.92 -2.02
N GLY A 602 16.04 -6.94 -2.14
CA GLY A 602 15.20 -7.40 -1.04
C GLY A 602 14.82 -8.87 -1.12
N GLY A 603 15.33 -9.57 -2.14
CA GLY A 603 15.04 -11.00 -2.26
C GLY A 603 13.91 -11.44 -3.17
N LEU A 604 13.07 -10.53 -3.63
CA LEU A 604 11.96 -10.91 -4.52
C LEU A 604 12.43 -10.89 -5.98
N ILE A 605 13.44 -10.08 -6.23
CA ILE A 605 14.03 -9.90 -7.55
C ILE A 605 15.54 -10.07 -7.36
N PRO A 606 16.23 -10.70 -8.33
CA PRO A 606 17.68 -10.95 -8.28
C PRO A 606 18.59 -9.82 -7.83
N ASP A 607 19.64 -10.20 -7.09
CA ASP A 607 20.65 -9.28 -6.60
C ASP A 607 21.71 -9.21 -7.69
N LEU A 608 21.77 -8.07 -8.37
CA LEU A 608 22.72 -7.88 -9.47
C LEU A 608 24.18 -8.08 -9.06
N ARG A 609 24.44 -8.04 -7.76
CA ARG A 609 25.80 -8.24 -7.27
C ARG A 609 26.18 -9.70 -7.36
N GLN A 610 25.17 -10.56 -7.34
CA GLN A 610 25.38 -12.02 -7.39
C GLN A 610 25.16 -12.68 -8.74
N SER A 611 24.90 -11.89 -9.78
CA SER A 611 24.67 -12.45 -11.11
C SER A 611 25.81 -13.36 -11.55
N SER A 612 25.48 -14.42 -12.28
CA SER A 612 26.48 -15.36 -12.76
C SER A 612 27.32 -14.69 -13.84
N ASP A 613 28.41 -15.32 -14.22
CA ASP A 613 29.30 -14.79 -15.25
C ASP A 613 28.58 -14.76 -16.60
N ALA A 614 27.78 -15.78 -16.87
CA ALA A 614 27.04 -15.87 -18.12
C ALA A 614 26.08 -14.68 -18.20
N THR A 615 25.41 -14.39 -17.10
CA THR A 615 24.47 -13.28 -17.02
C THR A 615 25.19 -11.95 -17.29
N ARG A 616 26.35 -11.77 -16.66
CA ARG A 616 27.13 -10.54 -16.85
C ARG A 616 27.54 -10.37 -18.31
N GLU A 617 27.82 -11.49 -18.98
CA GLU A 617 28.21 -11.46 -20.39
C GLU A 617 27.06 -11.00 -21.27
N HIS A 618 25.83 -11.28 -20.81
CA HIS A 618 24.63 -10.91 -21.55
C HIS A 618 23.92 -9.70 -20.97
N PHE A 619 24.64 -8.90 -20.21
CA PHE A 619 24.09 -7.71 -19.57
C PHE A 619 23.40 -6.78 -20.57
N GLN A 620 24.07 -6.51 -21.69
CA GLN A 620 23.51 -5.65 -22.72
C GLN A 620 22.26 -6.26 -23.35
N GLN A 621 22.31 -7.58 -23.60
CA GLN A 621 21.18 -8.28 -24.22
C GLN A 621 19.96 -8.24 -23.30
N ILE A 622 20.19 -8.43 -22.01
CA ILE A 622 19.11 -8.42 -21.04
C ILE A 622 18.49 -7.04 -20.88
N VAL A 623 19.33 -6.05 -20.58
CA VAL A 623 18.90 -4.68 -20.34
C VAL A 623 18.39 -3.90 -21.54
N LEU A 624 19.01 -4.08 -22.70
CA LEU A 624 18.60 -3.33 -23.90
C LEU A 624 17.95 -4.15 -25.01
N GLN A 625 18.08 -5.46 -24.95
CA GLN A 625 17.49 -6.30 -25.99
C GLN A 625 16.37 -7.18 -25.46
N GLY A 626 15.94 -6.90 -24.23
CA GLY A 626 14.86 -7.64 -23.60
C GLY A 626 14.94 -9.16 -23.61
N ALA A 627 16.13 -9.69 -23.37
CA ALA A 627 16.31 -11.14 -23.36
C ALA A 627 15.51 -11.84 -22.26
N LEU A 628 15.25 -11.14 -21.17
CA LEU A 628 14.50 -11.71 -20.04
C LEU A 628 13.11 -11.09 -19.90
N LYS A 629 12.65 -10.47 -20.98
CA LYS A 629 11.34 -9.82 -21.01
C LYS A 629 10.19 -10.74 -20.61
N PRO A 630 10.18 -11.99 -21.09
CA PRO A 630 9.08 -12.89 -20.71
C PRO A 630 9.03 -13.20 -19.20
N LEU A 631 10.13 -12.93 -18.51
CA LEU A 631 10.18 -13.17 -17.07
C LEU A 631 9.87 -11.89 -16.29
N GLY A 632 9.64 -10.80 -17.02
CA GLY A 632 9.32 -9.55 -16.36
C GLY A 632 10.42 -8.51 -16.30
N MET A 633 11.62 -8.87 -16.75
CA MET A 633 12.74 -7.92 -16.77
C MET A 633 12.58 -7.11 -18.04
N PRO A 634 12.16 -5.83 -17.91
CA PRO A 634 11.94 -4.94 -19.05
C PRO A 634 13.20 -4.62 -19.85
N SER A 635 12.98 -4.15 -21.07
CA SER A 635 14.07 -3.74 -21.93
C SER A 635 14.07 -2.21 -21.80
N PHE A 636 15.23 -1.60 -21.61
CA PHE A 636 15.29 -0.16 -21.45
C PHE A 636 15.92 0.55 -22.65
N ASP A 637 15.79 -0.03 -23.83
CA ASP A 637 16.36 0.60 -25.02
C ASP A 637 15.68 1.92 -25.34
N ASP A 638 14.52 2.17 -24.73
CA ASP A 638 13.81 3.42 -24.98
C ASP A 638 14.30 4.54 -24.06
N SER A 639 15.25 4.23 -23.19
CA SER A 639 15.76 5.21 -22.24
C SER A 639 17.27 5.20 -22.02
N LEU A 640 17.92 4.09 -22.30
CA LEU A 640 19.35 3.98 -22.06
C LEU A 640 20.18 3.55 -23.27
N LYS A 641 21.38 4.11 -23.37
CA LYS A 641 22.30 3.80 -24.46
C LYS A 641 23.26 2.71 -23.97
N PRO A 642 23.83 1.93 -24.89
CA PRO A 642 24.77 0.87 -24.51
C PRO A 642 25.84 1.36 -23.52
N GLU A 643 26.45 2.51 -23.81
CA GLU A 643 27.49 3.03 -22.91
C GLU A 643 26.96 3.31 -21.51
N GLU A 644 25.68 3.71 -21.42
CA GLU A 644 25.06 3.99 -20.13
C GLU A 644 24.83 2.69 -19.34
N VAL A 645 24.42 1.65 -20.05
CA VAL A 645 24.19 0.36 -19.41
C VAL A 645 25.52 -0.18 -18.90
N GLU A 646 26.59 0.10 -19.64
CA GLU A 646 27.92 -0.34 -19.25
C GLU A 646 28.34 0.38 -17.98
N GLN A 647 27.98 1.65 -17.86
CA GLN A 647 28.29 2.42 -16.67
C GLN A 647 27.57 1.82 -15.47
N ILE A 648 26.35 1.34 -15.69
CA ILE A 648 25.57 0.71 -14.63
C ILE A 648 26.24 -0.59 -14.20
N LYS A 649 26.65 -1.39 -15.19
CA LYS A 649 27.32 -2.66 -14.91
C LYS A 649 28.58 -2.40 -14.10
N LEU A 650 29.30 -1.35 -14.45
CA LEU A 650 30.51 -0.98 -13.76
C LEU A 650 30.17 -0.69 -12.31
N TYR A 651 29.11 0.08 -12.09
CA TYR A 651 28.67 0.43 -10.74
C TYR A 651 28.31 -0.82 -9.94
N VAL A 652 27.52 -1.70 -10.56
CA VAL A 652 27.10 -2.94 -9.93
C VAL A 652 28.31 -3.76 -9.48
N MET A 653 29.26 -3.98 -10.41
CA MET A 653 30.45 -4.74 -10.08
C MET A 653 31.26 -4.05 -8.99
N SER A 654 31.23 -2.72 -8.99
CA SER A 654 31.95 -1.94 -7.99
C SER A 654 31.38 -2.25 -6.61
N ARG A 655 30.06 -2.35 -6.53
CA ARG A 655 29.39 -2.64 -5.27
C ARG A 655 29.66 -4.08 -4.82
N GLU A 656 29.68 -5.00 -5.77
CA GLU A 656 29.95 -6.40 -5.47
C GLU A 656 31.33 -6.54 -4.84
N TYR A 657 32.32 -5.90 -5.45
CA TYR A 657 33.68 -5.96 -4.94
C TYR A 657 33.76 -5.23 -3.61
N GLU A 658 33.13 -4.06 -3.55
CA GLU A 658 33.09 -3.24 -2.36
C GLU A 658 32.55 -4.04 -1.17
N ASP A 659 31.46 -4.76 -1.38
CA ASP A 659 30.83 -5.56 -0.35
C ASP A 659 31.58 -6.86 -0.06
N TYR A 660 32.15 -7.46 -1.09
CA TYR A 660 32.89 -8.69 -0.91
C TYR A 660 34.10 -8.45 -0.03
N MET A 661 34.74 -7.29 -0.21
CA MET A 661 35.91 -6.93 0.58
C MET A 661 35.47 -6.61 2.01
N ALA A 662 34.22 -6.19 2.16
CA ALA A 662 33.69 -5.88 3.49
C ALA A 662 33.99 -7.10 4.36
N ARG A 663 33.51 -8.25 3.92
CA ARG A 663 33.78 -9.50 4.64
C ARG A 663 35.22 -9.85 4.29
N HIS A 664 35.77 -10.87 4.94
CA HIS A 664 37.15 -11.28 4.67
C HIS A 664 38.12 -10.17 5.08
CA CA B . 3.22 7.34 -3.90
N1 PQQ C . 2.04 0.59 -2.57
C2 PQQ C . 2.75 0.02 -1.55
C2X PQQ C . 2.77 -1.47 -1.23
O2A PQQ C . 3.50 -1.85 -0.29
O2B PQQ C . 2.03 -2.18 -1.92
C3 PQQ C . 3.43 1.03 -0.89
C3A PQQ C . 3.12 2.22 -1.55
C1A PQQ C . 2.24 1.91 -2.60
C4 PQQ C . 3.61 3.60 -1.24
O4 PQQ C . 4.35 3.93 -0.35
C5 PQQ C . 3.08 4.72 -2.23
O5 PQQ C . 3.43 5.90 -2.09
C6A PQQ C . 2.14 4.29 -3.36
N6 PQQ C . 1.80 5.34 -4.11
C7 PQQ C . 0.98 5.18 -5.17
C7X PQQ C . 0.79 6.41 -6.02
O7A PQQ C . 1.53 7.42 -5.66
O7B PQQ C . -0.01 6.34 -6.96
C8 PQQ C . 0.44 3.94 -5.50
C9 PQQ C . 0.76 2.75 -4.73
C9X PQQ C . 0.10 1.42 -5.17
O9A PQQ C . 0.42 0.39 -4.58
O9B PQQ C . -0.76 1.48 -6.07
C9A PQQ C . 1.67 2.93 -3.60
FE HEC D . 16.14 -6.19 -13.92
CHA HEC D . 16.59 -9.55 -13.80
CHB HEC D . 19.38 -5.78 -14.91
CHC HEC D . 15.72 -2.80 -13.96
CHD HEC D . 12.95 -6.55 -12.82
NA HEC D . 17.70 -7.44 -14.31
C1A HEC D . 17.68 -8.81 -14.19
C2A HEC D . 19.00 -9.33 -14.55
C3A HEC D . 19.78 -8.27 -14.86
C4A HEC D . 18.98 -7.08 -14.71
CMA HEC D . 21.26 -8.28 -15.28
CAA HEC D . 19.39 -10.81 -14.50
CBA HEC D . 19.76 -11.10 -13.03
CGA HEC D . 20.34 -12.46 -12.68
O1A HEC D . 19.61 -13.46 -12.98
O2A HEC D . 21.44 -12.51 -12.11
NB HEC D . 17.30 -4.60 -14.35
C1B HEC D . 18.64 -4.64 -14.74
C2B HEC D . 19.13 -3.30 -14.96
C3B HEC D . 18.09 -2.46 -14.69
C4B HEC D . 16.96 -3.26 -14.32
CMB HEC D . 20.56 -2.93 -15.39
CAB HEC D . 18.05 -0.93 -14.74
CBB HEC D . 18.17 -0.34 -16.16
NC HEC D . 14.63 -4.93 -13.49
C1C HEC D . 14.65 -3.56 -13.56
C2C HEC D . 13.37 -3.00 -13.13
C3C HEC D . 12.60 -4.03 -12.79
C4C HEC D . 13.37 -5.25 -13.02
CMC HEC D . 13.05 -1.48 -13.07
CAC HEC D . 11.17 -4.02 -12.23
CBC HEC D . 10.07 -3.47 -13.14
ND HEC D . 15.00 -7.73 -13.43
C1D HEC D . 13.67 -7.70 -13.00
C2D HEC D . 13.20 -9.05 -12.74
C3D HEC D . 14.22 -9.90 -13.01
C4D HEC D . 15.33 -9.07 -13.45
CMD HEC D . 11.78 -9.40 -12.25
CAD HEC D . 14.20 -11.44 -12.87
CBD HEC D . 13.71 -12.23 -14.10
CGD HEC D . 13.74 -13.71 -13.77
O1D HEC D . 12.68 -14.33 -13.66
O2D HEC D . 14.87 -14.20 -13.61
N1 EPE E . -9.86 -28.74 6.15
C2 EPE E . -10.58 -27.52 5.51
C3 EPE E . -11.28 -26.76 6.69
N4 EPE E . -12.34 -27.74 7.32
C5 EPE E . -11.71 -28.97 7.87
C6 EPE E . -10.87 -29.72 6.80
C7 EPE E . -13.09 -27.18 8.49
C8 EPE E . -14.52 -27.51 8.59
O8 EPE E . -15.00 -28.28 7.47
C9 EPE E . -9.14 -29.60 5.22
C10 EPE E . -7.82 -28.95 4.83
S EPE E . -6.65 -29.72 3.71
O1S EPE E . -6.31 -30.96 4.37
O2S EPE E . -7.35 -29.93 2.45
O3S EPE E . -5.52 -28.82 3.54
C ACN F . 7.27 4.96 -2.16
O ACN F . 6.39 5.43 -1.42
C1 ACN F . 8.60 4.56 -1.57
C2 ACN F . 6.96 4.82 -3.59
C1 GOL G . 6.21 -21.92 0.09
O1 GOL G . 7.48 -22.49 0.18
C2 GOL G . 5.44 -22.76 -0.92
O2 GOL G . 6.17 -22.70 -2.20
C3 GOL G . 3.98 -22.19 -1.10
O3 GOL G . 4.15 -21.16 -2.12
#